data_3F7P
#
_entry.id   3F7P
#
_cell.length_a   107.250
_cell.length_b   107.250
_cell.length_c   203.970
_cell.angle_alpha   90.00
_cell.angle_beta   90.00
_cell.angle_gamma   120.00
#
_symmetry.space_group_name_H-M   'P 32 2 1'
#
loop_
_entity.id
_entity.type
_entity.pdbx_description
1 polymer Plectin-1
2 polymer 'Integrin beta-4'
3 non-polymer 1,2-ETHANEDIOL
4 non-polymer DI(HYDROXYETHYL)ETHER
5 non-polymer 'CALCIUM ION'
6 water water
#
loop_
_entity_poly.entity_id
_entity_poly.type
_entity_poly.pdbx_seq_one_letter_code
_entity_poly.pdbx_strand_id
1 'polypeptide(L)'
;GSHMSGEDAEVRAVSEDVSNGSSGSPSPGDTLPWNLGKTQRSRRSGGGAGSNGSVLDPAERAVIRIADERDRVQKKTFTK
WVNKHLIKAQRHISDLYEDLRDGHNLISLLEVLSGDSLPREKGRMRFHKLQNVQIALDYLRHRQVKLVNIRNDDIADGNP
KLTLGLIWTIILHFQISDIQVSGQSEDMTAKEKLLLWSQRMVEGYQGLRCDNFTSSWRDGRLFNAIIHRHKPLLIDMNKV
YRQTNLENLDQAFSVAERDLGVTRLLDPEDVDVPQPDEKSIITYVSSLYDAMPRVP
;
A,B
2 'polypeptide(L)'
;GSHDLGAPQNPNAKAAGSRKIHFNWLPPSGKPMGYRVKYWIQGDSESEAHLLDSKVPSVELTNLYPYCDYEMKVCAYGAQ
GEGPYSSLVSCRTHQEVPSEPGRLAFNVVSSTVTQLSWAEPAETNGEITAYEVCYGLVNDDNRPIGPMKKVLVDNPKNRM
LLIENLRESQPYRYTVKARNGAGWGPEREAIINLATQPKRPMSIPIIPDIPIVDAQSGEDYDSFLMYSDDVLRSPSGSQR
PSVSDDTE
;
C,D,E
#
loop_
_chem_comp.id
_chem_comp.type
_chem_comp.name
_chem_comp.formula
CA non-polymer 'CALCIUM ION' 'Ca 2'
EDO non-polymer 1,2-ETHANEDIOL 'C2 H6 O2'
PEG non-polymer DI(HYDROXYETHYL)ETHER 'C4 H10 O3'
#
# COMPACT_ATOMS: atom_id res chain seq x y z
N VAL A 63 -17.06 25.20 4.58
CA VAL A 63 -18.29 24.55 5.04
C VAL A 63 -18.37 23.08 4.60
N ILE A 64 -18.41 22.19 5.59
CA ILE A 64 -18.47 20.76 5.33
C ILE A 64 -19.76 20.16 5.85
N ARG A 65 -20.18 19.06 5.24
CA ARG A 65 -21.34 18.32 5.70
C ARG A 65 -21.11 16.82 5.60
N ILE A 66 -22.12 16.04 5.98
CA ILE A 66 -22.00 14.59 6.00
C ILE A 66 -22.01 14.04 4.59
N ALA A 67 -21.20 13.02 4.34
CA ALA A 67 -21.19 12.36 3.03
C ALA A 67 -22.63 12.18 2.59
N ASP A 68 -22.86 12.25 1.28
CA ASP A 68 -24.22 12.21 0.78
C ASP A 68 -24.90 10.89 1.13
N GLU A 69 -26.18 10.98 1.49
CA GLU A 69 -26.96 9.80 1.85
C GLU A 69 -26.95 8.80 0.71
N ARG A 70 -26.87 9.30 -0.51
CA ARG A 70 -26.84 8.44 -1.69
C ARG A 70 -25.59 7.54 -1.73
N ASP A 71 -24.47 8.02 -1.19
CA ASP A 71 -23.27 7.18 -1.12
C ASP A 71 -23.41 6.12 -0.03
N ARG A 72 -24.14 6.47 1.02
CA ARG A 72 -24.42 5.47 2.04
C ARG A 72 -25.27 4.35 1.46
N VAL A 73 -26.24 4.70 0.62
CA VAL A 73 -27.16 3.70 0.07
C VAL A 73 -26.49 2.92 -1.05
N GLN A 74 -25.67 3.59 -1.84
CA GLN A 74 -24.94 2.90 -2.88
C GLN A 74 -24.01 1.87 -2.27
N LYS A 75 -23.37 2.24 -1.16
CA LYS A 75 -22.47 1.29 -0.49
C LYS A 75 -23.24 0.08 0.01
N LYS A 76 -24.45 0.29 0.49
CA LYS A 76 -25.19 -0.82 1.04
C LYS A 76 -25.74 -1.69 -0.10
N THR A 77 -26.25 -1.06 -1.16
CA THR A 77 -26.66 -1.80 -2.33
C THR A 77 -25.51 -2.66 -2.88
N PHE A 78 -24.36 -2.05 -3.12
CA PHE A 78 -23.26 -2.78 -3.72
C PHE A 78 -22.81 -3.93 -2.81
N THR A 79 -22.95 -3.75 -1.51
CA THR A 79 -22.53 -4.78 -0.57
C THR A 79 -23.47 -5.96 -0.65
N LYS A 80 -24.76 -5.70 -0.58
CA LYS A 80 -25.77 -6.76 -0.64
C LYS A 80 -25.65 -7.55 -1.95
N TRP A 81 -25.34 -6.83 -3.02
CA TRP A 81 -25.10 -7.46 -4.33
C TRP A 81 -23.88 -8.36 -4.33
N VAL A 82 -22.76 -7.85 -3.81
CA VAL A 82 -21.53 -8.63 -3.74
C VAL A 82 -21.73 -9.91 -2.92
N ASN A 83 -22.41 -9.78 -1.79
CA ASN A 83 -22.69 -10.92 -0.91
C ASN A 83 -23.60 -11.97 -1.57
N LYS A 84 -24.56 -11.50 -2.36
CA LYS A 84 -25.43 -12.38 -3.13
C LYS A 84 -24.61 -13.39 -3.91
N HIS A 85 -23.49 -12.96 -4.46
CA HIS A 85 -22.63 -13.83 -5.25
C HIS A 85 -21.58 -14.55 -4.41
N LEU A 86 -20.99 -13.85 -3.45
CA LEU A 86 -19.93 -14.46 -2.65
C LEU A 86 -20.38 -15.66 -1.82
N ILE A 87 -21.62 -15.63 -1.32
CA ILE A 87 -22.09 -16.77 -0.54
C ILE A 87 -22.12 -18.06 -1.36
N LYS A 88 -22.17 -17.93 -2.69
CA LYS A 88 -22.09 -19.10 -3.56
C LYS A 88 -20.74 -19.78 -3.39
N ALA A 89 -19.75 -19.00 -2.94
CA ALA A 89 -18.42 -19.51 -2.66
C ALA A 89 -18.13 -19.55 -1.17
N GLN A 90 -19.19 -19.45 -0.37
CA GLN A 90 -19.08 -19.51 1.09
C GLN A 90 -18.26 -18.35 1.65
N ARG A 91 -18.39 -17.18 1.03
CA ARG A 91 -17.69 -15.97 1.47
C ARG A 91 -18.67 -14.83 1.75
N HIS A 92 -18.23 -13.87 2.55
CA HIS A 92 -19.10 -12.78 2.97
C HIS A 92 -18.26 -11.59 3.39
N ILE A 93 -18.58 -10.42 2.84
CA ILE A 93 -17.95 -9.18 3.25
C ILE A 93 -18.87 -8.39 4.18
N SER A 94 -18.26 -7.59 5.06
CA SER A 94 -19.01 -6.86 6.07
C SER A 94 -18.92 -5.37 5.80
N ASP A 95 -17.71 -4.90 5.50
CA ASP A 95 -17.49 -3.51 5.13
C ASP A 95 -16.85 -3.44 3.75
N LEU A 96 -17.60 -2.88 2.80
CA LEU A 96 -17.14 -2.79 1.42
C LEU A 96 -15.84 -1.98 1.28
N TYR A 97 -15.60 -1.09 2.23
CA TYR A 97 -14.41 -0.26 2.12
C TYR A 97 -13.17 -0.91 2.74
N GLU A 98 -13.34 -2.14 3.25
CA GLU A 98 -12.24 -2.86 3.91
C GLU A 98 -12.07 -4.27 3.37
N ASP A 99 -13.18 -4.97 3.21
CA ASP A 99 -13.12 -6.40 2.94
C ASP A 99 -12.75 -6.76 1.49
N LEU A 100 -12.43 -5.75 0.70
CA LEU A 100 -11.95 -6.02 -0.65
C LEU A 100 -10.47 -5.69 -0.82
N ARG A 101 -9.84 -5.12 0.21
CA ARG A 101 -8.50 -4.59 0.08
C ARG A 101 -7.42 -5.65 -0.15
N ASP A 102 -7.64 -6.84 0.39
CA ASP A 102 -6.66 -7.92 0.26
C ASP A 102 -6.76 -8.66 -1.07
N GLY A 103 -7.81 -8.35 -1.85
CA GLY A 103 -7.92 -8.90 -3.19
C GLY A 103 -8.61 -10.25 -3.27
N HIS A 104 -8.52 -11.05 -2.21
CA HIS A 104 -9.09 -12.38 -2.23
C HIS A 104 -10.57 -12.38 -2.61
N ASN A 105 -11.34 -11.49 -1.99
CA ASN A 105 -12.78 -11.44 -2.27
C ASN A 105 -13.10 -11.00 -3.68
N LEU A 106 -12.35 -10.02 -4.20
CA LEU A 106 -12.53 -9.59 -5.59
C LEU A 106 -12.31 -10.77 -6.51
N ILE A 107 -11.25 -11.52 -6.25
CA ILE A 107 -10.95 -12.65 -7.09
C ILE A 107 -12.12 -13.62 -7.01
N SER A 108 -12.53 -13.99 -5.80
CA SER A 108 -13.63 -14.94 -5.65
C SER A 108 -14.90 -14.46 -6.32
N LEU A 109 -15.17 -13.16 -6.19
CA LEU A 109 -16.36 -12.58 -6.80
C LEU A 109 -16.34 -12.83 -8.30
N LEU A 110 -15.18 -12.57 -8.91
CA LEU A 110 -15.00 -12.73 -10.34
C LEU A 110 -15.11 -14.20 -10.75
N GLU A 111 -14.59 -15.08 -9.90
CA GLU A 111 -14.65 -16.50 -10.17
C GLU A 111 -16.11 -16.93 -10.25
N VAL A 112 -16.92 -16.45 -9.31
CA VAL A 112 -18.33 -16.78 -9.26
C VAL A 112 -19.10 -16.19 -10.45
N LEU A 113 -18.76 -14.96 -10.81
CA LEU A 113 -19.48 -14.24 -11.85
C LEU A 113 -19.24 -14.80 -13.23
N SER A 114 -17.99 -15.17 -13.52
CA SER A 114 -17.63 -15.61 -14.86
C SER A 114 -17.53 -17.13 -14.93
N GLY A 115 -17.44 -17.77 -13.78
CA GLY A 115 -17.24 -19.20 -13.72
C GLY A 115 -15.82 -19.59 -14.07
N ASP A 116 -14.97 -18.59 -14.29
CA ASP A 116 -13.56 -18.83 -14.60
C ASP A 116 -12.76 -19.16 -13.34
N SER A 117 -11.49 -19.52 -13.53
CA SER A 117 -10.62 -19.87 -12.42
C SER A 117 -9.39 -18.96 -12.42
N LEU A 118 -9.20 -18.18 -11.35
CA LEU A 118 -8.15 -17.18 -11.30
C LEU A 118 -7.04 -17.55 -10.30
N PRO A 119 -5.80 -17.16 -10.62
CA PRO A 119 -4.62 -17.33 -9.78
C PRO A 119 -4.74 -16.51 -8.49
N ARG A 120 -4.01 -16.89 -7.44
CA ARG A 120 -3.99 -16.10 -6.21
C ARG A 120 -2.60 -16.08 -5.59
N GLU A 121 -2.06 -14.89 -5.39
CA GLU A 121 -0.79 -14.73 -4.70
C GLU A 121 -1.02 -14.79 -3.19
N LYS A 122 -0.84 -15.97 -2.61
CA LYS A 122 -1.12 -16.14 -1.20
C LYS A 122 0.03 -15.60 -0.37
N GLY A 123 -0.15 -14.41 0.17
CA GLY A 123 0.84 -13.77 1.02
C GLY A 123 0.18 -13.16 2.24
N ARG A 124 0.90 -12.27 2.92
CA ARG A 124 0.41 -11.69 4.16
C ARG A 124 0.61 -10.18 4.19
N MET A 125 1.61 -9.71 3.44
CA MET A 125 1.98 -8.31 3.46
C MET A 125 1.34 -7.51 2.34
N ARG A 126 1.75 -6.26 2.21
CA ARG A 126 1.17 -5.35 1.24
C ARG A 126 1.56 -5.73 -0.19
N PHE A 127 2.82 -6.11 -0.39
CA PHE A 127 3.31 -6.52 -1.70
C PHE A 127 2.37 -7.56 -2.30
N HIS A 128 1.85 -8.44 -1.44
CA HIS A 128 0.96 -9.52 -1.88
C HIS A 128 -0.48 -9.06 -2.08
N LYS A 129 -0.93 -8.13 -1.24
CA LYS A 129 -2.23 -7.52 -1.46
C LYS A 129 -2.27 -6.95 -2.88
N LEU A 130 -1.31 -6.08 -3.17
CA LEU A 130 -1.23 -5.41 -4.47
C LEU A 130 -1.21 -6.41 -5.60
N GLN A 131 -0.46 -7.50 -5.39
CA GLN A 131 -0.38 -8.56 -6.39
C GLN A 131 -1.78 -9.15 -6.63
N ASN A 132 -2.48 -9.52 -5.56
CA ASN A 132 -3.82 -10.09 -5.66
C ASN A 132 -4.85 -9.17 -6.31
N VAL A 133 -4.83 -7.90 -5.92
CA VAL A 133 -5.73 -6.94 -6.53
C VAL A 133 -5.42 -6.81 -8.02
N GLN A 134 -4.14 -6.75 -8.37
CA GLN A 134 -3.73 -6.63 -9.77
C GLN A 134 -4.29 -7.79 -10.59
N ILE A 135 -4.32 -8.97 -10.00
CA ILE A 135 -4.89 -10.12 -10.66
C ILE A 135 -6.32 -9.83 -11.07
N ALA A 136 -7.10 -9.32 -10.13
CA ALA A 136 -8.50 -8.98 -10.37
C ALA A 136 -8.62 -7.93 -11.47
N LEU A 137 -7.84 -6.88 -11.36
CA LEU A 137 -7.89 -5.79 -12.31
C LEU A 137 -7.50 -6.24 -13.70
N ASP A 138 -6.45 -7.06 -13.77
CA ASP A 138 -6.00 -7.58 -15.05
C ASP A 138 -7.06 -8.45 -15.71
N TYR A 139 -7.70 -9.31 -14.92
CA TYR A 139 -8.78 -10.13 -15.44
C TYR A 139 -9.80 -9.27 -16.18
N LEU A 140 -10.21 -8.19 -15.53
CA LEU A 140 -11.20 -7.28 -16.10
C LEU A 140 -10.65 -6.61 -17.35
N ARG A 141 -9.41 -6.13 -17.28
CA ARG A 141 -8.84 -5.41 -18.41
C ARG A 141 -8.72 -6.30 -19.63
N HIS A 142 -8.37 -7.56 -19.43
CA HIS A 142 -8.26 -8.51 -20.54
C HIS A 142 -9.64 -8.83 -21.10
N ARG A 143 -10.65 -8.83 -20.23
CA ARG A 143 -12.04 -8.98 -20.68
C ARG A 143 -12.57 -7.68 -21.28
N GLN A 144 -11.65 -6.81 -21.69
CA GLN A 144 -11.98 -5.54 -22.36
C GLN A 144 -12.76 -4.57 -21.50
N VAL A 145 -12.71 -4.77 -20.18
CA VAL A 145 -13.38 -3.86 -19.24
C VAL A 145 -12.48 -2.68 -18.93
N LYS A 146 -12.88 -1.49 -19.37
CA LYS A 146 -12.10 -0.29 -19.11
C LYS A 146 -12.14 0.08 -17.63
N LEU A 147 -10.98 0.10 -17.00
CA LEU A 147 -10.85 0.56 -15.63
C LEU A 147 -9.99 1.81 -15.65
N VAL A 148 -10.61 2.96 -15.82
CA VAL A 148 -9.83 4.18 -15.95
C VAL A 148 -9.58 4.80 -14.58
N ASN A 149 -8.38 5.35 -14.43
CA ASN A 149 -8.00 6.10 -13.24
C ASN A 149 -8.13 5.26 -11.96
N ILE A 150 -7.92 3.96 -12.08
CA ILE A 150 -7.96 3.06 -10.93
C ILE A 150 -6.75 2.15 -10.86
N ARG A 151 -5.92 2.36 -9.83
CA ARG A 151 -4.74 1.52 -9.62
C ARG A 151 -4.98 0.48 -8.55
N ASN A 152 -4.17 -0.57 -8.54
CA ASN A 152 -4.31 -1.65 -7.57
C ASN A 152 -4.12 -1.18 -6.13
N ASP A 153 -3.24 -0.21 -5.91
CA ASP A 153 -3.00 0.29 -4.56
C ASP A 153 -4.20 1.09 -4.04
N ASP A 154 -4.97 1.64 -4.98
CA ASP A 154 -6.20 2.35 -4.65
C ASP A 154 -7.22 1.44 -3.99
N ILE A 155 -7.33 0.21 -4.49
CA ILE A 155 -8.22 -0.77 -3.90
C ILE A 155 -7.62 -1.40 -2.65
N ALA A 156 -6.34 -1.73 -2.70
CA ALA A 156 -5.65 -2.36 -1.57
C ALA A 156 -5.55 -1.45 -0.38
N ASP A 157 -5.46 -0.16 -0.62
CA ASP A 157 -5.37 0.81 0.48
C ASP A 157 -6.75 1.38 0.84
N GLY A 158 -7.77 0.97 0.09
CA GLY A 158 -9.15 1.27 0.43
C GLY A 158 -9.67 2.69 0.20
N ASN A 159 -9.34 3.30 -0.93
CA ASN A 159 -10.03 4.51 -1.36
C ASN A 159 -11.49 4.17 -1.68
N PRO A 160 -12.42 4.72 -0.89
CA PRO A 160 -13.83 4.32 -0.88
C PRO A 160 -14.56 4.63 -2.18
N LYS A 161 -14.35 5.82 -2.73
CA LYS A 161 -14.97 6.19 -3.99
C LYS A 161 -14.46 5.28 -5.12
N LEU A 162 -13.15 5.14 -5.23
CA LEU A 162 -12.61 4.32 -6.30
C LEU A 162 -13.03 2.87 -6.14
N THR A 163 -13.28 2.46 -4.90
CA THR A 163 -13.69 1.09 -4.62
C THR A 163 -15.11 0.89 -5.07
N LEU A 164 -15.95 1.87 -4.73
CA LEU A 164 -17.31 1.92 -5.23
C LEU A 164 -17.31 1.78 -6.75
N GLY A 165 -16.49 2.61 -7.40
CA GLY A 165 -16.36 2.62 -8.85
C GLY A 165 -15.98 1.27 -9.44
N LEU A 166 -15.04 0.58 -8.80
CA LEU A 166 -14.63 -0.73 -9.28
C LEU A 166 -15.83 -1.67 -9.28
N ILE A 167 -16.54 -1.71 -8.15
CA ILE A 167 -17.71 -2.57 -8.03
C ILE A 167 -18.77 -2.20 -9.05
N TRP A 168 -18.99 -0.90 -9.25
CA TRP A 168 -19.99 -0.50 -10.22
C TRP A 168 -19.63 -1.06 -11.59
N THR A 169 -18.36 -0.87 -11.98
CA THR A 169 -17.84 -1.40 -13.21
C THR A 169 -18.14 -2.90 -13.34
N ILE A 170 -17.86 -3.65 -12.27
CA ILE A 170 -18.10 -5.08 -12.27
C ILE A 170 -19.57 -5.39 -12.49
N ILE A 171 -20.43 -4.62 -11.83
CA ILE A 171 -21.87 -4.83 -11.95
C ILE A 171 -22.34 -4.56 -13.37
N LEU A 172 -21.85 -3.47 -13.94
CA LEU A 172 -22.20 -3.07 -15.30
C LEU A 172 -21.90 -4.20 -16.26
N HIS A 173 -20.65 -4.66 -16.20
CA HIS A 173 -20.14 -5.64 -17.13
C HIS A 173 -20.81 -7.01 -17.03
N PHE A 174 -21.10 -7.47 -15.82
CA PHE A 174 -21.67 -8.81 -15.64
C PHE A 174 -23.19 -8.85 -15.55
N GLN A 175 -23.80 -7.81 -15.02
CA GLN A 175 -25.23 -7.87 -14.75
C GLN A 175 -26.07 -6.95 -15.63
N ILE A 176 -25.56 -5.75 -15.90
CA ILE A 176 -26.38 -4.72 -16.51
C ILE A 176 -26.20 -4.65 -18.02
N SER A 177 -25.12 -5.21 -18.53
CA SER A 177 -24.77 -5.03 -19.92
C SER A 177 -25.42 -6.08 -20.84
N ASP A 178 -25.82 -7.22 -20.28
CA ASP A 178 -26.42 -8.28 -21.09
C ASP A 178 -27.94 -8.13 -21.30
N ILE A 179 -28.43 -6.89 -21.23
CA ILE A 179 -29.85 -6.63 -21.40
C ILE A 179 -30.23 -6.81 -22.88
N GLN A 180 -31.46 -7.28 -23.11
CA GLN A 180 -31.96 -7.49 -24.47
C GLN A 180 -33.40 -7.02 -24.58
N VAL A 181 -33.63 -6.03 -25.44
CA VAL A 181 -34.96 -5.47 -25.62
C VAL A 181 -35.33 -5.51 -27.09
N SER A 182 -36.60 -5.80 -27.37
CA SER A 182 -37.07 -5.79 -28.75
C SER A 182 -36.98 -4.39 -29.32
N GLY A 183 -36.52 -4.33 -30.56
CA GLY A 183 -36.32 -3.06 -31.22
C GLY A 183 -35.32 -2.20 -30.46
N GLN A 184 -34.09 -2.69 -30.33
CA GLN A 184 -33.03 -1.93 -29.69
C GLN A 184 -31.99 -1.54 -30.72
N SER A 185 -30.91 -0.91 -30.27
CA SER A 185 -29.79 -0.55 -31.14
C SER A 185 -28.48 -0.76 -30.39
N GLU A 186 -27.44 -1.15 -31.11
CA GLU A 186 -26.14 -1.37 -30.49
C GLU A 186 -25.46 -0.04 -30.10
N ASP A 187 -26.08 1.07 -30.47
CA ASP A 187 -25.62 2.39 -30.07
C ASP A 187 -26.30 2.81 -28.76
N MET A 188 -27.26 2.00 -28.32
CA MET A 188 -27.90 2.20 -27.04
C MET A 188 -27.03 1.60 -25.95
N THR A 189 -26.82 2.36 -24.88
CA THR A 189 -26.06 1.86 -23.73
C THR A 189 -26.88 0.82 -22.99
N ALA A 190 -26.21 0.00 -22.18
CA ALA A 190 -26.89 -1.00 -21.37
C ALA A 190 -27.98 -0.32 -20.55
N LYS A 191 -27.65 0.83 -20.00
CA LYS A 191 -28.60 1.67 -19.27
C LYS A 191 -29.83 2.04 -20.12
N GLU A 192 -29.62 2.54 -21.33
CA GLU A 192 -30.73 2.95 -22.18
C GLU A 192 -31.64 1.76 -22.52
N LYS A 193 -31.05 0.58 -22.64
CA LYS A 193 -31.82 -0.62 -22.89
C LYS A 193 -32.65 -1.00 -21.66
N LEU A 194 -32.08 -0.85 -20.47
CA LEU A 194 -32.80 -1.17 -19.25
C LEU A 194 -34.00 -0.24 -19.07
N LEU A 195 -33.80 1.03 -19.41
CA LEU A 195 -34.88 2.01 -19.28
C LEU A 195 -35.97 1.68 -20.28
N LEU A 196 -35.57 1.34 -21.50
CA LEU A 196 -36.53 0.94 -22.53
C LEU A 196 -37.33 -0.26 -22.06
N TRP A 197 -36.63 -1.24 -21.53
CA TRP A 197 -37.28 -2.41 -20.96
C TRP A 197 -38.32 -2.00 -19.93
N SER A 198 -37.91 -1.21 -18.93
CA SER A 198 -38.80 -0.78 -17.86
C SER A 198 -40.04 -0.13 -18.44
N GLN A 199 -39.84 0.75 -19.40
CA GLN A 199 -40.95 1.43 -20.05
C GLN A 199 -41.88 0.44 -20.74
N ARG A 200 -41.30 -0.58 -21.37
CA ARG A 200 -42.12 -1.55 -22.11
C ARG A 200 -42.94 -2.36 -21.13
N MET A 201 -42.35 -2.69 -19.98
CA MET A 201 -43.03 -3.47 -18.95
C MET A 201 -44.22 -2.77 -18.33
N VAL A 202 -44.10 -1.48 -18.09
CA VAL A 202 -45.16 -0.73 -17.43
C VAL A 202 -46.10 -0.04 -18.44
N GLU A 203 -45.90 -0.33 -19.72
CA GLU A 203 -46.78 0.21 -20.74
C GLU A 203 -48.20 -0.26 -20.49
N GLY A 204 -49.15 0.64 -20.67
CA GLY A 204 -50.54 0.28 -20.50
C GLY A 204 -51.08 0.46 -19.10
N TYR A 205 -50.24 0.29 -18.08
CA TYR A 205 -50.64 0.59 -16.70
C TYR A 205 -50.98 2.08 -16.54
N GLN A 206 -52.23 2.35 -16.14
CA GLN A 206 -52.73 3.72 -16.03
C GLN A 206 -51.82 4.57 -15.14
N GLY A 207 -51.46 5.74 -15.65
CA GLY A 207 -50.74 6.75 -14.90
C GLY A 207 -49.30 6.43 -14.63
N LEU A 208 -48.88 5.24 -15.04
CA LEU A 208 -47.52 4.80 -14.79
C LEU A 208 -46.61 5.26 -15.90
N ARG A 209 -45.40 5.67 -15.54
CA ARG A 209 -44.52 6.31 -16.49
C ARG A 209 -43.10 6.22 -15.96
N CYS A 210 -42.17 5.86 -16.84
CA CYS A 210 -40.79 5.65 -16.41
C CYS A 210 -39.84 6.52 -17.20
N ASP A 211 -39.43 7.64 -16.61
CA ASP A 211 -38.61 8.62 -17.30
C ASP A 211 -37.13 8.54 -16.93
N ASN A 212 -36.86 7.97 -15.77
CA ASN A 212 -35.49 7.93 -15.27
C ASN A 212 -35.28 6.71 -14.36
N PHE A 213 -34.10 6.65 -13.75
CA PHE A 213 -33.81 5.58 -12.80
C PHE A 213 -33.63 6.18 -11.42
N THR A 214 -34.33 7.28 -11.19
CA THR A 214 -34.27 7.95 -9.89
C THR A 214 -35.69 8.27 -9.40
N SER A 215 -36.13 9.50 -9.58
CA SER A 215 -37.46 9.91 -9.09
C SER A 215 -38.63 9.03 -9.57
N SER A 216 -38.53 8.48 -10.78
CA SER A 216 -39.59 7.65 -11.33
C SER A 216 -39.92 6.44 -10.45
N TRP A 217 -38.98 6.01 -9.62
CA TRP A 217 -39.19 4.82 -8.84
C TRP A 217 -39.59 5.10 -7.39
N ARG A 218 -39.70 6.37 -7.04
CA ARG A 218 -39.86 6.76 -5.64
C ARG A 218 -41.08 6.13 -4.96
N ASP A 219 -42.21 6.09 -5.66
CA ASP A 219 -43.45 5.68 -5.01
C ASP A 219 -43.71 4.18 -5.03
N GLY A 220 -42.78 3.42 -5.58
CA GLY A 220 -42.89 1.96 -5.60
C GLY A 220 -43.87 1.38 -6.63
N ARG A 221 -44.56 2.23 -7.35
CA ARG A 221 -45.56 1.73 -8.25
C ARG A 221 -45.01 1.01 -9.49
N LEU A 222 -43.94 1.55 -10.08
CA LEU A 222 -43.26 0.85 -11.17
C LEU A 222 -42.78 -0.54 -10.77
N PHE A 223 -42.26 -0.69 -9.55
CA PHE A 223 -41.72 -1.97 -9.10
C PHE A 223 -42.85 -2.99 -9.09
N ASN A 224 -43.99 -2.59 -8.55
CA ASN A 224 -45.14 -3.47 -8.47
C ASN A 224 -45.68 -3.85 -9.84
N ALA A 225 -45.78 -2.86 -10.72
CA ALA A 225 -46.31 -3.11 -12.06
C ALA A 225 -45.41 -4.07 -12.82
N ILE A 226 -44.10 -3.96 -12.63
CA ILE A 226 -43.17 -4.79 -13.37
C ILE A 226 -43.38 -6.23 -12.96
N ILE A 227 -43.47 -6.45 -11.66
CA ILE A 227 -43.72 -7.78 -11.13
C ILE A 227 -45.09 -8.27 -11.58
N HIS A 228 -46.05 -7.37 -11.66
CA HIS A 228 -47.39 -7.74 -12.08
C HIS A 228 -47.40 -8.27 -13.50
N ARG A 229 -46.78 -7.52 -14.41
CA ARG A 229 -46.72 -7.93 -15.81
C ARG A 229 -46.18 -9.37 -15.93
N HIS A 230 -45.26 -9.74 -15.05
CA HIS A 230 -44.66 -11.05 -15.13
C HIS A 230 -45.54 -12.12 -14.46
N LYS A 231 -46.19 -11.76 -13.37
CA LYS A 231 -47.03 -12.71 -12.64
C LYS A 231 -48.18 -12.02 -11.94
N PRO A 232 -49.26 -11.76 -12.69
CA PRO A 232 -50.41 -10.97 -12.22
C PRO A 232 -50.93 -11.43 -10.87
N LEU A 233 -50.71 -12.68 -10.52
CA LEU A 233 -51.29 -13.27 -9.32
C LEU A 233 -50.60 -12.79 -8.05
N LEU A 234 -49.40 -12.23 -8.22
CA LEU A 234 -48.60 -11.81 -7.08
C LEU A 234 -48.95 -10.40 -6.60
N ILE A 235 -49.56 -9.60 -7.47
CA ILE A 235 -49.79 -8.19 -7.16
C ILE A 235 -51.24 -7.76 -7.37
N ASP A 236 -51.76 -7.02 -6.40
CA ASP A 236 -53.08 -6.42 -6.48
C ASP A 236 -52.93 -4.93 -6.84
N MET A 237 -52.77 -4.64 -8.13
CA MET A 237 -52.51 -3.28 -8.62
C MET A 237 -53.54 -2.27 -8.13
N ASN A 238 -54.76 -2.72 -7.94
CA ASN A 238 -55.81 -1.85 -7.43
C ASN A 238 -55.36 -1.19 -6.11
N LYS A 239 -54.81 -2.03 -5.23
CA LYS A 239 -54.39 -1.60 -3.90
C LYS A 239 -53.08 -0.83 -3.98
N VAL A 240 -52.23 -1.18 -4.95
CA VAL A 240 -51.00 -0.44 -5.21
C VAL A 240 -51.31 1.03 -5.46
N TYR A 241 -52.41 1.29 -6.15
CA TYR A 241 -52.79 2.67 -6.46
C TYR A 241 -53.32 3.42 -5.24
N ARG A 242 -53.50 2.72 -4.13
CA ARG A 242 -54.09 3.32 -2.95
C ARG A 242 -53.17 3.26 -1.75
N GLN A 243 -51.95 2.74 -1.95
CA GLN A 243 -50.98 2.55 -0.87
C GLN A 243 -49.90 3.61 -0.86
N THR A 244 -49.25 3.77 0.28
CA THR A 244 -48.19 4.76 0.45
C THR A 244 -46.92 4.30 -0.24
N ASN A 245 -46.05 5.25 -0.57
CA ASN A 245 -44.80 4.92 -1.22
C ASN A 245 -44.07 3.78 -0.50
N LEU A 246 -43.97 3.87 0.83
CA LEU A 246 -43.27 2.84 1.59
C LEU A 246 -43.95 1.47 1.53
N GLU A 247 -45.25 1.45 1.80
CA GLU A 247 -46.04 0.22 1.71
C GLU A 247 -45.80 -0.48 0.37
N ASN A 248 -45.89 0.27 -0.72
CA ASN A 248 -45.67 -0.27 -2.06
C ASN A 248 -44.26 -0.81 -2.28
N LEU A 249 -43.28 0.02 -1.95
CA LEU A 249 -41.88 -0.38 -2.01
C LEU A 249 -41.66 -1.69 -1.27
N ASP A 250 -42.02 -1.73 0.00
CA ASP A 250 -41.86 -2.93 0.79
C ASP A 250 -42.53 -4.14 0.16
N GLN A 251 -43.79 -3.96 -0.25
CA GLN A 251 -44.55 -5.03 -0.88
C GLN A 251 -43.80 -5.60 -2.09
N ALA A 252 -43.39 -4.72 -3.00
CA ALA A 252 -42.60 -5.11 -4.16
C ALA A 252 -41.34 -5.91 -3.81
N PHE A 253 -40.48 -5.32 -3.00
CA PHE A 253 -39.24 -5.96 -2.61
C PHE A 253 -39.50 -7.32 -1.94
N SER A 254 -40.52 -7.37 -1.10
CA SER A 254 -40.88 -8.60 -0.40
C SER A 254 -41.31 -9.69 -1.38
N VAL A 255 -42.26 -9.35 -2.26
CA VAL A 255 -42.75 -10.29 -3.26
C VAL A 255 -41.64 -10.79 -4.18
N ALA A 256 -40.90 -9.85 -4.77
CA ALA A 256 -39.79 -10.21 -5.63
C ALA A 256 -38.81 -11.17 -4.94
N GLU A 257 -38.62 -11.00 -3.64
CA GLU A 257 -37.68 -11.86 -2.91
C GLU A 257 -38.23 -13.25 -2.69
N ARG A 258 -39.44 -13.35 -2.14
CA ARG A 258 -39.98 -14.65 -1.78
C ARG A 258 -40.56 -15.41 -2.98
N ASP A 259 -40.96 -14.69 -4.02
CA ASP A 259 -41.60 -15.34 -5.17
C ASP A 259 -40.74 -15.39 -6.44
N LEU A 260 -39.73 -14.52 -6.53
CA LEU A 260 -38.86 -14.48 -7.70
C LEU A 260 -37.39 -14.68 -7.37
N GLY A 261 -37.07 -14.80 -6.08
CA GLY A 261 -35.70 -15.03 -5.66
C GLY A 261 -34.80 -13.85 -5.99
N VAL A 262 -35.37 -12.65 -5.91
CA VAL A 262 -34.63 -11.42 -6.13
C VAL A 262 -34.17 -10.84 -4.80
N THR A 263 -32.85 -10.86 -4.58
CA THR A 263 -32.26 -10.35 -3.35
C THR A 263 -32.71 -8.92 -3.05
N ARG A 264 -33.04 -8.63 -1.79
CA ARG A 264 -33.45 -7.29 -1.41
C ARG A 264 -32.27 -6.34 -1.27
N LEU A 265 -31.91 -5.67 -2.36
CA LEU A 265 -30.74 -4.80 -2.36
C LEU A 265 -31.08 -3.45 -1.74
N LEU A 266 -32.35 -3.06 -1.87
CA LEU A 266 -32.81 -1.75 -1.42
C LEU A 266 -33.79 -1.82 -0.24
N ASP A 267 -33.67 -0.87 0.67
CA ASP A 267 -34.64 -0.72 1.75
C ASP A 267 -35.65 0.33 1.29
N PRO A 268 -36.92 0.14 1.62
CA PRO A 268 -37.93 1.13 1.20
C PRO A 268 -37.55 2.57 1.58
N GLU A 269 -37.17 2.81 2.84
CA GLU A 269 -36.81 4.16 3.29
C GLU A 269 -35.68 4.81 2.47
N ASP A 270 -34.88 3.99 1.80
CA ASP A 270 -33.79 4.50 0.98
C ASP A 270 -34.20 4.86 -0.43
N VAL A 271 -35.41 4.44 -0.81
CA VAL A 271 -35.92 4.73 -2.14
C VAL A 271 -36.95 5.84 -2.09
N ASP A 272 -37.75 5.87 -1.03
CA ASP A 272 -38.75 6.93 -0.87
C ASP A 272 -38.13 8.27 -0.51
N VAL A 273 -37.50 8.89 -1.50
CA VAL A 273 -36.81 10.16 -1.32
C VAL A 273 -36.90 10.92 -2.64
N PRO A 274 -36.69 12.24 -2.59
CA PRO A 274 -36.83 13.02 -3.81
C PRO A 274 -35.91 12.54 -4.92
N GLN A 275 -34.65 12.26 -4.58
CA GLN A 275 -33.67 11.78 -5.56
C GLN A 275 -32.91 10.53 -5.10
N PRO A 276 -33.43 9.35 -5.46
CA PRO A 276 -32.79 8.08 -5.12
C PRO A 276 -31.43 7.94 -5.78
N ASP A 277 -30.61 7.02 -5.28
CA ASP A 277 -29.33 6.71 -5.91
C ASP A 277 -29.55 5.91 -7.21
N GLU A 278 -29.20 6.52 -8.35
CA GLU A 278 -29.46 5.95 -9.66
C GLU A 278 -28.86 4.56 -9.81
N LYS A 279 -27.57 4.42 -9.52
CA LYS A 279 -26.88 3.15 -9.64
C LYS A 279 -27.51 2.04 -8.82
N SER A 280 -28.02 2.40 -7.64
CA SER A 280 -28.68 1.42 -6.79
C SER A 280 -29.97 0.94 -7.42
N ILE A 281 -30.79 1.88 -7.89
CA ILE A 281 -32.02 1.56 -8.60
C ILE A 281 -31.69 0.65 -9.78
N ILE A 282 -30.77 1.10 -10.63
CA ILE A 282 -30.35 0.34 -11.80
C ILE A 282 -29.95 -1.09 -11.48
N THR A 283 -29.15 -1.28 -10.45
CA THR A 283 -28.74 -2.60 -10.07
C THR A 283 -29.93 -3.46 -9.75
N TYR A 284 -30.84 -2.91 -8.95
CA TYR A 284 -32.04 -3.64 -8.57
C TYR A 284 -32.97 -3.94 -9.76
N VAL A 285 -33.27 -2.92 -10.56
CA VAL A 285 -34.15 -3.12 -11.71
C VAL A 285 -33.57 -4.18 -12.64
N SER A 286 -32.25 -4.14 -12.80
CA SER A 286 -31.54 -5.08 -13.64
C SER A 286 -31.73 -6.50 -13.11
N SER A 287 -31.77 -6.62 -11.79
CA SER A 287 -31.90 -7.93 -11.20
C SER A 287 -33.35 -8.46 -11.29
N LEU A 288 -34.28 -7.54 -11.56
CA LEU A 288 -35.66 -7.92 -11.81
C LEU A 288 -35.72 -8.51 -13.20
N TYR A 289 -35.12 -7.80 -14.14
CA TYR A 289 -34.95 -8.30 -15.49
C TYR A 289 -34.30 -9.70 -15.50
N ASP A 290 -33.24 -9.90 -14.71
CA ASP A 290 -32.60 -11.20 -14.64
C ASP A 290 -33.57 -12.30 -14.18
N ALA A 291 -34.43 -11.98 -13.23
CA ALA A 291 -35.45 -12.92 -12.77
C ALA A 291 -36.61 -13.11 -13.75
N MET A 292 -36.45 -12.65 -14.99
CA MET A 292 -37.53 -12.77 -15.97
C MET A 292 -37.05 -13.15 -17.37
N PRO A 293 -37.80 -14.04 -18.04
CA PRO A 293 -37.46 -14.53 -19.38
C PRO A 293 -37.64 -13.46 -20.46
N VAL B 63 42.21 -25.69 11.32
CA VAL B 63 42.89 -24.47 10.91
C VAL B 63 42.25 -23.84 9.68
N ILE B 64 41.76 -22.61 9.86
CA ILE B 64 41.08 -21.88 8.79
C ILE B 64 41.83 -20.60 8.43
N ARG B 65 41.67 -20.16 7.18
CA ARG B 65 42.26 -18.90 6.73
C ARG B 65 41.32 -18.22 5.74
N ILE B 66 41.84 -17.24 5.01
CA ILE B 66 41.09 -16.53 3.96
C ILE B 66 41.55 -16.99 2.57
N ASP B 68 43.28 -18.30 0.29
CA ASP B 68 44.44 -18.82 -0.45
C ASP B 68 45.10 -17.77 -1.34
N GLU B 69 46.42 -17.81 -1.40
CA GLU B 69 47.18 -16.86 -2.20
C GLU B 69 46.76 -16.93 -3.67
N ARG B 70 46.32 -18.12 -4.09
CA ARG B 70 45.85 -18.34 -5.45
C ARG B 70 44.58 -17.54 -5.79
N ASP B 71 43.72 -17.30 -4.81
CA ASP B 71 42.55 -16.45 -5.02
C ASP B 71 42.94 -14.97 -5.08
N ARG B 72 43.97 -14.63 -4.31
CA ARG B 72 44.55 -13.29 -4.39
C ARG B 72 45.01 -13.03 -5.84
N VAL B 73 45.71 -14.00 -6.41
CA VAL B 73 46.32 -13.83 -7.73
C VAL B 73 45.28 -13.94 -8.85
N GLN B 74 44.32 -14.82 -8.66
CA GLN B 74 43.24 -14.95 -9.62
C GLN B 74 42.47 -13.64 -9.70
N LYS B 75 42.23 -13.02 -8.55
CA LYS B 75 41.52 -11.74 -8.53
C LYS B 75 42.32 -10.66 -9.27
N LYS B 76 43.64 -10.67 -9.10
CA LYS B 76 44.46 -9.67 -9.75
C LYS B 76 44.50 -9.92 -11.25
N THR B 77 44.71 -11.18 -11.65
CA THR B 77 44.68 -11.54 -13.06
C THR B 77 43.36 -11.12 -13.71
N PHE B 78 42.24 -11.53 -13.11
CA PHE B 78 40.94 -11.23 -13.71
C PHE B 78 40.71 -9.72 -13.81
N THR B 79 41.24 -8.98 -12.85
CA THR B 79 41.08 -7.53 -12.87
C THR B 79 41.87 -6.88 -14.01
N LYS B 80 43.12 -7.26 -14.17
CA LYS B 80 43.96 -6.72 -15.22
C LYS B 80 43.37 -7.06 -16.59
N TRP B 81 42.79 -8.25 -16.68
CA TRP B 81 42.12 -8.69 -17.92
C TRP B 81 40.90 -7.85 -18.23
N VAL B 82 40.05 -7.65 -17.23
CA VAL B 82 38.83 -6.86 -17.41
C VAL B 82 39.16 -5.43 -17.83
N ASN B 83 40.18 -4.84 -17.18
CA ASN B 83 40.61 -3.49 -17.51
C ASN B 83 41.18 -3.36 -18.91
N LYS B 84 41.90 -4.40 -19.36
CA LYS B 84 42.42 -4.47 -20.73
C LYS B 84 41.33 -4.16 -21.74
N HIS B 85 40.13 -4.67 -21.49
CA HIS B 85 39.00 -4.44 -22.39
C HIS B 85 38.21 -3.16 -22.05
N LEU B 86 38.00 -2.90 -20.77
CA LEU B 86 37.18 -1.75 -20.38
C LEU B 86 37.78 -0.42 -20.84
N ILE B 87 39.10 -0.30 -20.83
CA ILE B 87 39.70 0.96 -21.23
C ILE B 87 39.38 1.30 -22.69
N LYS B 88 39.02 0.29 -23.48
CA LYS B 88 38.58 0.53 -24.85
C LYS B 88 37.31 1.35 -24.86
N ALA B 89 36.56 1.27 -23.77
CA ALA B 89 35.33 2.05 -23.58
C ALA B 89 35.52 3.14 -22.53
N GLN B 90 36.78 3.46 -22.23
CA GLN B 90 37.13 4.52 -21.28
C GLN B 90 36.62 4.24 -19.88
N ARG B 91 36.64 2.96 -19.49
CA ARG B 91 36.22 2.55 -18.15
C ARG B 91 37.33 1.80 -17.43
N HIS B 92 37.22 1.74 -16.11
CA HIS B 92 38.26 1.11 -15.31
C HIS B 92 37.69 0.69 -13.96
N ILE B 93 37.93 -0.56 -13.59
CA ILE B 93 37.56 -1.04 -12.27
C ILE B 93 38.78 -1.10 -11.35
N SER B 94 38.54 -0.96 -10.06
CA SER B 94 39.63 -0.91 -9.09
C SER B 94 39.56 -2.15 -8.18
N ASP B 95 38.37 -2.47 -7.70
CA ASP B 95 38.17 -3.66 -6.89
C ASP B 95 37.14 -4.56 -7.58
N LEU B 96 37.60 -5.73 -8.04
CA LEU B 96 36.73 -6.68 -8.73
C LEU B 96 35.53 -7.11 -7.91
N TYR B 97 35.64 -7.07 -6.59
CA TYR B 97 34.55 -7.53 -5.75
C TYR B 97 33.54 -6.42 -5.46
N GLU B 98 33.75 -5.24 -6.03
CA GLU B 98 32.83 -4.12 -5.82
C GLU B 98 32.41 -3.44 -7.12
N ASP B 99 33.36 -3.25 -8.02
CA ASP B 99 33.11 -2.41 -9.19
C ASP B 99 32.27 -3.10 -10.27
N LEU B 100 31.81 -4.31 -10.00
CA LEU B 100 30.91 -4.98 -10.93
C LEU B 100 29.49 -5.09 -10.41
N ARG B 101 29.26 -4.68 -9.17
CA ARG B 101 27.97 -4.91 -8.51
C ARG B 101 26.80 -4.13 -9.12
N ASP B 102 27.09 -2.96 -9.69
CA ASP B 102 26.03 -2.13 -10.25
C ASP B 102 25.66 -2.54 -11.68
N GLY B 103 26.43 -3.47 -12.25
CA GLY B 103 26.12 -4.03 -13.55
C GLY B 103 26.62 -3.26 -14.75
N HIS B 104 26.75 -1.94 -14.59
CA HIS B 104 27.20 -1.10 -15.70
C HIS B 104 28.49 -1.61 -16.35
N ASN B 105 29.49 -1.93 -15.53
CA ASN B 105 30.76 -2.41 -16.06
C ASN B 105 30.65 -3.76 -16.76
N LEU B 106 29.87 -4.69 -16.20
CA LEU B 106 29.66 -5.97 -16.85
C LEU B 106 29.08 -5.75 -18.23
N ILE B 107 28.08 -4.88 -18.31
CA ILE B 107 27.45 -4.61 -19.58
C ILE B 107 28.51 -4.06 -20.53
N SER B 108 29.23 -3.02 -20.11
CA SER B 108 30.26 -2.43 -20.97
C SER B 108 31.30 -3.46 -21.41
N LEU B 109 31.69 -4.32 -20.49
CA LEU B 109 32.69 -5.34 -20.79
C LEU B 109 32.17 -6.21 -21.93
N LEU B 110 30.91 -6.61 -21.84
CA LEU B 110 30.30 -7.47 -22.84
C LEU B 110 30.15 -6.73 -24.17
N GLU B 111 29.82 -5.45 -24.11
CA GLU B 111 29.70 -4.64 -25.31
C GLU B 111 31.02 -4.64 -26.06
N VAL B 112 32.11 -4.46 -25.31
CA VAL B 112 33.44 -4.42 -25.90
C VAL B 112 33.84 -5.78 -26.49
N LEU B 113 33.53 -6.83 -25.75
CA LEU B 113 33.94 -8.18 -26.11
C LEU B 113 33.25 -8.71 -27.36
N SER B 114 31.95 -8.47 -27.46
CA SER B 114 31.15 -9.01 -28.56
C SER B 114 30.91 -7.99 -29.66
N GLY B 115 31.13 -6.71 -29.33
CA GLY B 115 30.85 -5.63 -30.25
C GLY B 115 29.36 -5.37 -30.38
N ASP B 116 28.57 -6.08 -29.58
CA ASP B 116 27.11 -5.90 -29.57
C ASP B 116 26.72 -4.66 -28.76
N SER B 117 25.43 -4.33 -28.79
CA SER B 117 24.91 -3.17 -28.06
C SER B 117 23.82 -3.62 -27.08
N LEU B 118 24.05 -3.39 -25.79
CA LEU B 118 23.13 -3.86 -24.75
C LEU B 118 22.37 -2.74 -24.06
N PRO B 119 21.13 -3.04 -23.65
CA PRO B 119 20.25 -2.13 -22.90
C PRO B 119 20.82 -1.83 -21.52
N ARG B 120 20.42 -0.73 -20.92
CA ARG B 120 20.86 -0.38 -19.57
C ARG B 120 19.72 0.24 -18.76
N GLU B 121 19.38 -0.37 -17.62
CA GLU B 121 18.40 0.20 -16.71
C GLU B 121 19.08 1.24 -15.83
N LYS B 122 18.99 2.50 -16.23
CA LYS B 122 19.67 3.57 -15.52
C LYS B 122 18.87 3.96 -14.28
N GLY B 123 19.31 3.44 -13.13
CA GLY B 123 18.68 3.75 -11.86
C GLY B 123 19.74 4.05 -10.81
N ARG B 124 19.34 4.02 -9.54
CA ARG B 124 20.24 4.40 -8.45
C ARG B 124 20.17 3.38 -7.32
N MET B 125 19.04 2.69 -7.21
CA MET B 125 18.80 1.80 -6.10
C MET B 125 19.14 0.35 -6.44
N ARG B 126 18.80 -0.55 -5.53
CA ARG B 126 19.11 -1.97 -5.68
C ARG B 126 18.27 -2.63 -6.77
N PHE B 127 16.99 -2.28 -6.82
CA PHE B 127 16.08 -2.82 -7.84
C PHE B 127 16.71 -2.65 -9.23
N HIS B 128 17.40 -1.53 -9.42
CA HIS B 128 18.02 -1.22 -10.72
C HIS B 128 19.35 -1.91 -10.91
N LYS B 129 20.11 -2.08 -9.83
CA LYS B 129 21.34 -2.88 -9.90
C LYS B 129 21.00 -4.27 -10.42
N LEU B 130 20.06 -4.93 -9.74
CA LEU B 130 19.63 -6.27 -10.09
C LEU B 130 19.17 -6.33 -11.54
N GLN B 131 18.43 -5.32 -11.97
CA GLN B 131 17.98 -5.23 -13.35
C GLN B 131 19.18 -5.23 -14.30
N ASN B 132 20.15 -4.35 -14.03
CA ASN B 132 21.34 -4.23 -14.88
C ASN B 132 22.18 -5.49 -14.92
N VAL B 133 22.37 -6.12 -13.76
CA VAL B 133 23.13 -7.35 -13.74
C VAL B 133 22.39 -8.43 -14.53
N GLN B 134 21.07 -8.48 -14.38
CA GLN B 134 20.27 -9.48 -15.09
C GLN B 134 20.45 -9.34 -16.59
N ILE B 135 20.55 -8.10 -17.07
CA ILE B 135 20.80 -7.84 -18.48
C ILE B 135 22.08 -8.56 -18.92
N ALA B 136 23.14 -8.40 -18.15
CA ALA B 136 24.41 -9.03 -18.47
C ALA B 136 24.27 -10.56 -18.48
N LEU B 137 23.64 -11.09 -17.43
CA LEU B 137 23.50 -12.52 -17.28
C LEU B 137 22.65 -13.10 -18.42
N ASP B 138 21.58 -12.40 -18.76
CA ASP B 138 20.70 -12.86 -19.84
C ASP B 138 21.43 -12.87 -21.17
N TYR B 139 22.22 -11.83 -21.44
CA TYR B 139 23.01 -11.79 -22.66
C TYR B 139 23.84 -13.06 -22.78
N LEU B 140 24.51 -13.43 -21.70
CA LEU B 140 25.34 -14.63 -21.70
C LEU B 140 24.51 -15.89 -21.90
N ARG B 141 23.39 -15.99 -21.18
CA ARG B 141 22.56 -17.18 -21.26
C ARG B 141 21.98 -17.38 -22.66
N HIS B 142 21.62 -16.28 -23.32
CA HIS B 142 21.08 -16.38 -24.68
C HIS B 142 22.18 -16.76 -25.66
N ARG B 143 23.41 -16.33 -25.37
CA ARG B 143 24.57 -16.76 -26.14
C ARG B 143 24.99 -18.19 -25.78
N GLN B 144 24.07 -18.93 -25.16
CA GLN B 144 24.29 -20.34 -24.79
C GLN B 144 25.39 -20.56 -23.75
N VAL B 145 25.73 -19.50 -23.01
CA VAL B 145 26.71 -19.60 -21.94
C VAL B 145 26.05 -20.05 -20.66
N LYS B 146 26.40 -21.26 -20.22
CA LYS B 146 25.82 -21.79 -18.99
C LYS B 146 26.36 -21.05 -17.77
N LEU B 147 25.44 -20.43 -17.03
CA LEU B 147 25.79 -19.79 -15.77
C LEU B 147 25.09 -20.53 -14.65
N VAL B 148 25.81 -21.51 -14.10
CA VAL B 148 25.26 -22.39 -13.07
C VAL B 148 25.33 -21.74 -11.71
N ASN B 149 24.25 -21.90 -10.95
CA ASN B 149 24.27 -21.55 -9.53
C ASN B 149 24.68 -20.09 -9.30
N ILE B 150 24.35 -19.22 -10.25
CA ILE B 150 24.70 -17.80 -10.15
C ILE B 150 23.49 -16.92 -10.42
N ARG B 151 23.05 -16.20 -9.39
CA ARG B 151 21.93 -15.29 -9.52
C ARG B 151 22.40 -13.85 -9.62
N ASN B 152 21.54 -12.97 -10.11
CA ASN B 152 21.89 -11.57 -10.30
C ASN B 152 22.19 -10.84 -8.98
N ASP B 153 21.50 -11.23 -7.91
CA ASP B 153 21.74 -10.62 -6.60
C ASP B 153 23.10 -11.03 -6.03
N ASP B 154 23.60 -12.19 -6.46
CA ASP B 154 24.92 -12.66 -6.06
C ASP B 154 26.02 -11.73 -6.56
N ILE B 155 25.87 -11.25 -7.79
CA ILE B 155 26.83 -10.29 -8.34
C ILE B 155 26.59 -8.87 -7.80
N ALA B 156 25.33 -8.47 -7.71
CA ALA B 156 24.96 -7.14 -7.26
C ALA B 156 25.29 -6.92 -5.79
N ASP B 157 25.26 -8.00 -5.01
CA ASP B 157 25.59 -7.92 -3.59
C ASP B 157 27.04 -8.29 -3.34
N GLY B 158 27.75 -8.67 -4.40
CA GLY B 158 29.20 -8.87 -4.32
C GLY B 158 29.73 -10.11 -3.63
N ASN B 159 29.12 -11.26 -3.86
CA ASN B 159 29.72 -12.54 -3.47
C ASN B 159 30.98 -12.76 -4.32
N PRO B 160 32.15 -12.72 -3.66
CA PRO B 160 33.47 -12.70 -4.31
C PRO B 160 33.78 -13.96 -5.13
N LYS B 161 33.53 -15.13 -4.55
CA LYS B 161 33.75 -16.36 -5.30
C LYS B 161 32.82 -16.45 -6.53
N LEU B 162 31.53 -16.21 -6.36
CA LEU B 162 30.62 -16.26 -7.50
C LEU B 162 30.95 -15.19 -8.54
N THR B 163 31.54 -14.08 -8.10
CA THR B 163 31.92 -12.99 -8.99
C THR B 163 33.11 -13.42 -9.82
N LEU B 164 34.10 -13.98 -9.14
CA LEU B 164 35.23 -14.60 -9.80
C LEU B 164 34.73 -15.57 -10.87
N GLY B 165 33.83 -16.45 -10.48
CA GLY B 165 33.28 -17.45 -11.38
C GLY B 165 32.64 -16.85 -12.62
N LEU B 166 31.85 -15.79 -12.43
CA LEU B 166 31.22 -15.13 -13.57
C LEU B 166 32.28 -14.66 -14.56
N ILE B 167 33.30 -13.97 -14.05
CA ILE B 167 34.37 -13.46 -14.90
C ILE B 167 35.09 -14.59 -15.58
N TRP B 168 35.33 -15.67 -14.87
CA TRP B 168 36.02 -16.80 -15.46
C TRP B 168 35.22 -17.30 -16.66
N THR B 169 33.92 -17.47 -16.44
CA THR B 169 32.99 -17.87 -17.49
C THR B 169 33.11 -16.97 -18.71
N ILE B 170 33.12 -15.65 -18.46
CA ILE B 170 33.24 -14.68 -19.54
C ILE B 170 34.56 -14.82 -20.31
N ILE B 171 35.64 -15.08 -19.59
CA ILE B 171 36.94 -15.26 -20.20
C ILE B 171 36.98 -16.53 -21.07
N LEU B 172 36.49 -17.64 -20.50
CA LEU B 172 36.38 -18.90 -21.22
C LEU B 172 35.70 -18.69 -22.57
N HIS B 173 34.50 -18.12 -22.50
CA HIS B 173 33.64 -18.00 -23.67
C HIS B 173 34.19 -17.08 -24.76
N PHE B 174 34.79 -15.97 -24.37
CA PHE B 174 35.27 -15.01 -25.37
C PHE B 174 36.74 -15.17 -25.76
N GLN B 175 37.57 -15.61 -24.82
CA GLN B 175 39.02 -15.63 -25.07
C GLN B 175 39.62 -17.03 -25.21
N ILE B 176 39.17 -17.96 -24.39
CA ILE B 176 39.82 -19.26 -24.31
C ILE B 176 39.19 -20.32 -25.19
N SER B 177 37.96 -20.10 -25.63
CA SER B 177 37.21 -21.14 -26.33
C SER B 177 37.47 -21.15 -27.83
N ASP B 178 37.94 -20.03 -28.38
CA ASP B 178 38.17 -19.93 -29.82
C ASP B 178 39.55 -20.43 -30.26
N ILE B 179 40.14 -21.32 -29.47
CA ILE B 179 41.46 -21.87 -29.79
C ILE B 179 41.35 -22.83 -30.97
N GLN B 180 42.40 -22.88 -31.79
CA GLN B 180 42.44 -23.74 -32.97
C GLN B 180 43.81 -24.40 -33.10
N VAL B 181 43.84 -25.72 -33.03
CA VAL B 181 45.09 -26.47 -33.12
C VAL B 181 44.97 -27.55 -34.19
N SER B 182 46.05 -27.77 -34.94
CA SER B 182 46.07 -28.84 -35.94
C SER B 182 46.00 -30.19 -35.23
N GLY B 183 45.30 -31.17 -35.79
CA GLY B 183 45.13 -32.49 -35.16
C GLY B 183 44.46 -32.44 -33.80
N GLN B 184 43.28 -31.82 -33.74
CA GLN B 184 42.53 -31.73 -32.49
C GLN B 184 41.25 -32.56 -32.60
N SER B 185 40.41 -32.50 -31.57
CA SER B 185 39.13 -33.18 -31.56
C SER B 185 38.09 -32.29 -30.88
N GLU B 186 36.85 -32.37 -31.34
CA GLU B 186 35.78 -31.59 -30.75
C GLU B 186 35.35 -32.12 -29.39
N ASP B 187 35.94 -33.25 -28.99
CA ASP B 187 35.72 -33.80 -27.65
C ASP B 187 36.79 -33.27 -26.70
N MET B 188 37.78 -32.56 -27.25
CA MET B 188 38.80 -31.89 -26.45
C MET B 188 38.24 -30.57 -25.95
N THR B 189 38.42 -30.29 -24.66
CA THR B 189 37.99 -29.03 -24.09
C THR B 189 38.91 -27.93 -24.59
N ALA B 190 38.45 -26.68 -24.47
CA ALA B 190 39.27 -25.52 -24.82
C ALA B 190 40.60 -25.59 -24.10
N LYS B 191 40.53 -25.96 -22.82
CA LYS B 191 41.71 -26.17 -22.00
C LYS B 191 42.66 -27.21 -22.60
N GLU B 192 42.15 -28.37 -22.97
CA GLU B 192 42.98 -29.43 -23.52
C GLU B 192 43.66 -29.00 -24.83
N LYS B 193 42.96 -28.16 -25.60
CA LYS B 193 43.52 -27.64 -26.85
C LYS B 193 44.64 -26.65 -26.57
N LEU B 194 44.48 -25.84 -25.52
CA LEU B 194 45.50 -24.87 -25.17
C LEU B 194 46.76 -25.58 -24.69
N LEU B 195 46.57 -26.64 -23.93
CA LEU B 195 47.71 -27.42 -23.45
C LEU B 195 48.43 -28.09 -24.60
N LEU B 196 47.65 -28.62 -25.54
CA LEU B 196 48.22 -29.26 -26.73
C LEU B 196 49.02 -28.24 -27.51
N TRP B 197 48.43 -27.06 -27.68
CA TRP B 197 49.12 -25.95 -28.34
C TRP B 197 50.47 -25.68 -27.65
N SER B 198 50.43 -25.45 -26.34
CA SER B 198 51.64 -25.13 -25.56
C SER B 198 52.71 -26.18 -25.78
N GLN B 199 52.30 -27.44 -25.70
CA GLN B 199 53.21 -28.56 -25.95
C GLN B 199 53.81 -28.54 -27.36
N ARG B 200 52.99 -28.18 -28.35
CA ARG B 200 53.48 -28.17 -29.72
C ARG B 200 54.50 -27.05 -29.90
N MET B 201 54.26 -25.92 -29.22
CA MET B 201 55.12 -24.75 -29.32
C MET B 201 56.50 -25.05 -28.76
N VAL B 202 56.55 -25.75 -27.63
CA VAL B 202 57.83 -25.94 -26.95
C VAL B 202 58.47 -27.27 -27.32
N GLU B 203 57.87 -27.93 -28.29
CA GLU B 203 58.46 -29.15 -28.82
C GLU B 203 59.85 -28.88 -29.39
N GLY B 204 60.78 -29.77 -29.11
CA GLY B 204 62.13 -29.59 -29.65
C GLY B 204 63.07 -28.83 -28.75
N TYR B 205 62.56 -27.88 -27.98
CA TYR B 205 63.38 -27.19 -26.98
C TYR B 205 63.87 -28.16 -25.92
N GLN B 206 65.19 -28.25 -25.79
CA GLN B 206 65.83 -29.20 -24.86
C GLN B 206 65.32 -29.03 -23.42
N GLY B 207 64.92 -30.15 -22.83
CA GLY B 207 64.53 -30.21 -21.43
C GLY B 207 63.21 -29.54 -21.10
N LEU B 208 62.59 -28.92 -22.11
CA LEU B 208 61.34 -28.23 -21.89
C LEU B 208 60.18 -29.20 -22.01
N ARG B 209 59.17 -29.02 -21.18
CA ARG B 209 58.09 -29.99 -21.10
C ARG B 209 56.88 -29.31 -20.47
N CYS B 210 55.71 -29.52 -21.07
CA CYS B 210 54.50 -28.88 -20.57
C CYS B 210 53.44 -29.90 -20.19
N ASP B 211 53.32 -30.18 -18.89
CA ASP B 211 52.42 -31.21 -18.41
C ASP B 211 51.12 -30.65 -17.83
N ASN B 212 51.15 -29.39 -17.42
CA ASN B 212 49.99 -28.79 -16.78
C ASN B 212 49.94 -27.30 -17.02
N PHE B 213 48.99 -26.63 -16.39
CA PHE B 213 48.93 -25.17 -16.43
C PHE B 213 49.24 -24.57 -15.06
N THR B 214 50.08 -25.27 -14.31
CA THR B 214 50.45 -24.84 -12.99
C THR B 214 51.98 -24.92 -12.80
N SER B 215 52.45 -25.99 -12.16
CA SER B 215 53.89 -26.13 -11.88
C SER B 215 54.79 -26.05 -13.13
N SER B 216 54.29 -26.52 -14.27
CA SER B 216 55.05 -26.48 -15.52
C SER B 216 55.53 -25.08 -15.89
N TRP B 217 54.85 -24.05 -15.43
CA TRP B 217 55.19 -22.70 -15.85
C TRP B 217 56.00 -21.93 -14.80
N ARG B 218 56.30 -22.58 -13.68
CA ARG B 218 56.92 -21.90 -12.55
C ARG B 218 58.24 -21.19 -12.87
N ASP B 219 59.10 -21.83 -13.66
CA ASP B 219 60.45 -21.29 -13.88
C ASP B 219 60.56 -20.30 -15.03
N GLY B 220 59.44 -20.05 -15.71
CA GLY B 220 59.39 -19.06 -16.79
C GLY B 220 59.97 -19.51 -18.12
N ARG B 221 60.48 -20.73 -18.16
CA ARG B 221 61.15 -21.19 -19.36
C ARG B 221 60.21 -21.47 -20.54
N LEU B 222 59.05 -22.06 -20.25
CA LEU B 222 58.03 -22.27 -21.27
C LEU B 222 57.57 -20.95 -21.90
N PHE B 223 57.42 -19.91 -21.06
CA PHE B 223 56.95 -18.61 -21.55
C PHE B 223 57.93 -18.07 -22.57
N ASN B 224 59.22 -18.15 -22.23
CA ASN B 224 60.26 -17.68 -23.13
C ASN B 224 60.34 -18.46 -24.43
N ALA B 225 60.23 -19.79 -24.33
CA ALA B 225 60.30 -20.67 -25.50
C ALA B 225 59.15 -20.43 -26.46
N ILE B 226 57.97 -20.16 -25.90
CA ILE B 226 56.80 -19.91 -26.72
C ILE B 226 56.99 -18.65 -27.55
N ILE B 227 57.42 -17.58 -26.89
CA ILE B 227 57.73 -16.33 -27.57
C ILE B 227 58.87 -16.55 -28.57
N HIS B 228 59.84 -17.38 -28.21
CA HIS B 228 60.95 -17.65 -29.11
C HIS B 228 60.50 -18.28 -30.41
N ARG B 229 59.68 -19.32 -30.28
CA ARG B 229 59.17 -20.02 -31.46
C ARG B 229 58.49 -19.07 -32.45
N HIS B 230 57.84 -18.05 -31.94
CA HIS B 230 57.14 -17.09 -32.79
C HIS B 230 58.11 -16.04 -33.34
N LYS B 231 59.06 -15.58 -32.53
CA LYS B 231 60.01 -14.54 -32.95
C LYS B 231 61.38 -14.72 -32.30
N PRO B 232 62.21 -15.59 -32.90
CA PRO B 232 63.52 -15.98 -32.34
C PRO B 232 64.38 -14.79 -31.94
N LEU B 233 64.17 -13.65 -32.58
CA LEU B 233 65.01 -12.49 -32.37
C LEU B 233 64.76 -11.81 -31.03
N LEU B 234 63.63 -12.13 -30.42
CA LEU B 234 63.23 -11.52 -29.17
C LEU B 234 63.82 -12.20 -27.93
N ILE B 235 64.23 -13.45 -28.08
CA ILE B 235 64.66 -14.24 -26.94
C ILE B 235 66.03 -14.91 -27.15
N ASP B 236 66.87 -14.82 -26.13
CA ASP B 236 68.14 -15.51 -26.09
C ASP B 236 68.00 -16.76 -25.22
N MET B 237 67.51 -17.85 -25.81
CA MET B 237 67.23 -19.09 -25.07
C MET B 237 68.44 -19.61 -24.29
N ASN B 238 69.62 -19.37 -24.83
CA ASN B 238 70.85 -19.75 -24.15
C ASN B 238 70.87 -19.21 -22.72
N LYS B 239 70.56 -17.91 -22.61
CA LYS B 239 70.56 -17.22 -21.33
C LYS B 239 69.35 -17.61 -20.48
N VAL B 240 68.24 -17.90 -21.14
CA VAL B 240 67.06 -18.42 -20.46
C VAL B 240 67.42 -19.65 -19.62
N TYR B 241 68.30 -20.48 -20.15
CA TYR B 241 68.67 -21.72 -19.47
C TYR B 241 69.59 -21.47 -18.29
N ARG B 242 70.03 -20.23 -18.12
CA ARG B 242 70.98 -19.91 -17.08
C ARG B 242 70.47 -18.86 -16.11
N GLN B 243 69.22 -18.43 -16.30
CA GLN B 243 68.60 -17.40 -15.48
C GLN B 243 67.65 -17.97 -14.42
N THR B 244 67.39 -17.17 -13.39
CA THR B 244 66.52 -17.58 -12.29
C THR B 244 65.06 -17.55 -12.74
N ASN B 245 64.22 -18.29 -12.03
CA ASN B 245 62.80 -18.30 -12.35
C ASN B 245 62.22 -16.90 -12.52
N LEU B 246 62.54 -16.00 -11.58
CA LEU B 246 62.02 -14.64 -11.63
C LEU B 246 62.55 -13.84 -12.81
N GLU B 247 63.86 -13.83 -12.99
CA GLU B 247 64.46 -13.17 -14.16
C GLU B 247 63.77 -13.60 -15.48
N ASN B 248 63.60 -14.91 -15.68
CA ASN B 248 62.94 -15.46 -16.88
C ASN B 248 61.48 -15.05 -17.01
N LEU B 249 60.74 -15.17 -15.91
CA LEU B 249 59.35 -14.73 -15.88
C LEU B 249 59.25 -13.27 -16.31
N ASP B 250 59.97 -12.40 -15.61
CA ASP B 250 59.95 -10.98 -15.91
C ASP B 250 60.31 -10.70 -17.37
N GLN B 251 61.40 -11.31 -17.83
CA GLN B 251 61.83 -11.17 -19.23
C GLN B 251 60.71 -11.48 -20.21
N ALA B 252 60.12 -12.67 -20.06
CA ALA B 252 58.99 -13.11 -20.88
C ALA B 252 57.84 -12.10 -20.89
N PHE B 253 57.30 -11.80 -19.71
CA PHE B 253 56.20 -10.86 -19.57
C PHE B 253 56.52 -9.50 -20.19
N SER B 254 57.74 -9.02 -19.95
CA SER B 254 58.20 -7.74 -20.49
C SER B 254 58.24 -7.75 -22.03
N VAL B 255 58.89 -8.77 -22.59
CA VAL B 255 58.98 -8.91 -24.05
C VAL B 255 57.60 -9.03 -24.70
N ALA B 256 56.79 -9.95 -24.20
CA ALA B 256 55.45 -10.15 -24.73
C ALA B 256 54.66 -8.84 -24.74
N GLU B 257 54.89 -8.01 -23.73
CA GLU B 257 54.15 -6.76 -23.61
C GLU B 257 54.61 -5.72 -24.62
N ARG B 258 55.92 -5.48 -24.65
CA ARG B 258 56.43 -4.41 -25.49
C ARG B 258 56.56 -4.82 -26.97
N ASP B 259 56.69 -6.12 -27.23
CA ASP B 259 56.88 -6.57 -28.61
C ASP B 259 55.67 -7.28 -29.23
N LEU B 260 54.76 -7.77 -28.40
CA LEU B 260 53.60 -8.51 -28.89
C LEU B 260 52.28 -7.89 -28.45
N GLY B 261 52.34 -6.85 -27.63
CA GLY B 261 51.14 -6.19 -27.14
C GLY B 261 50.29 -7.09 -26.26
N VAL B 262 50.97 -7.93 -25.49
CA VAL B 262 50.31 -8.83 -24.55
C VAL B 262 50.32 -8.21 -23.16
N THR B 263 49.14 -7.82 -22.69
CA THR B 263 48.99 -7.22 -21.37
C THR B 263 49.61 -8.09 -20.27
N ARG B 264 50.32 -7.46 -19.34
CA ARG B 264 50.94 -8.20 -18.25
C ARG B 264 49.92 -8.55 -17.17
N LEU B 265 49.31 -9.72 -17.30
CA LEU B 265 48.29 -10.15 -16.35
C LEU B 265 48.91 -10.71 -15.08
N LEU B 266 50.12 -11.24 -15.20
CA LEU B 266 50.79 -11.92 -14.09
C LEU B 266 52.06 -11.19 -13.64
N ASP B 267 52.28 -11.17 -12.32
CA ASP B 267 53.55 -10.67 -11.78
C ASP B 267 54.46 -11.87 -11.56
N PRO B 268 55.76 -11.71 -11.83
CA PRO B 268 56.66 -12.86 -11.68
C PRO B 268 56.53 -13.53 -10.32
N GLU B 269 56.54 -12.76 -9.24
CA GLU B 269 56.48 -13.32 -7.89
C GLU B 269 55.22 -14.18 -7.66
N ASP B 270 54.19 -13.94 -8.46
CA ASP B 270 52.94 -14.69 -8.34
C ASP B 270 52.93 -15.99 -9.12
N VAL B 271 53.93 -16.17 -9.97
CA VAL B 271 54.05 -17.40 -10.74
C VAL B 271 55.14 -18.30 -10.16
N ASP B 272 56.22 -17.69 -9.68
CA ASP B 272 57.32 -18.47 -9.08
C ASP B 272 56.94 -19.05 -7.72
N VAL B 273 56.08 -20.05 -7.76
CA VAL B 273 55.59 -20.71 -6.55
C VAL B 273 55.35 -22.18 -6.87
N PRO B 274 55.31 -23.03 -5.84
CA PRO B 274 55.13 -24.46 -6.10
C PRO B 274 53.86 -24.75 -6.93
N GLN B 275 52.74 -24.13 -6.56
CA GLN B 275 51.48 -24.33 -7.28
C GLN B 275 50.80 -23.02 -7.67
N PRO B 276 51.08 -22.52 -8.88
CA PRO B 276 50.47 -21.30 -9.42
C PRO B 276 48.97 -21.46 -9.61
N ASP B 277 48.25 -20.35 -9.74
CA ASP B 277 46.82 -20.38 -10.02
C ASP B 277 46.57 -20.77 -11.48
N GLU B 278 45.95 -21.92 -11.67
CA GLU B 278 45.77 -22.50 -13.00
C GLU B 278 45.03 -21.55 -13.94
N LYS B 279 43.90 -21.02 -13.48
CA LYS B 279 43.08 -20.12 -14.31
C LYS B 279 43.84 -18.86 -14.73
N SER B 280 44.74 -18.40 -13.87
CA SER B 280 45.52 -17.22 -14.20
C SER B 280 46.53 -17.52 -15.28
N ILE B 281 47.25 -18.63 -15.11
CA ILE B 281 48.15 -19.13 -16.14
C ILE B 281 47.41 -19.27 -17.46
N ILE B 282 46.31 -20.01 -17.43
CA ILE B 282 45.52 -20.27 -18.64
C ILE B 282 45.13 -18.97 -19.34
N THR B 283 44.61 -18.02 -18.59
CA THR B 283 44.23 -16.76 -19.21
C THR B 283 45.40 -16.11 -19.92
N TYR B 284 46.56 -16.08 -19.26
CA TYR B 284 47.75 -15.49 -19.87
C TYR B 284 48.28 -16.28 -21.09
N VAL B 285 48.40 -17.60 -20.95
CA VAL B 285 48.88 -18.42 -22.06
C VAL B 285 47.95 -18.26 -23.26
N SER B 286 46.66 -18.18 -22.99
CA SER B 286 45.65 -18.00 -24.02
C SER B 286 45.86 -16.69 -24.77
N SER B 287 46.26 -15.67 -24.03
CA SER B 287 46.47 -14.35 -24.61
C SER B 287 47.79 -14.28 -25.40
N LEU B 288 48.68 -15.24 -25.15
CA LEU B 288 49.87 -15.41 -25.95
C LEU B 288 49.46 -15.98 -27.29
N TYR B 289 48.67 -17.05 -27.24
CA TYR B 289 48.07 -17.63 -28.42
C TYR B 289 47.35 -16.57 -29.27
N ASP B 290 46.57 -15.71 -28.63
CA ASP B 290 45.86 -14.65 -29.36
C ASP B 290 46.82 -13.75 -30.12
N ALA B 291 47.95 -13.43 -29.49
CA ALA B 291 48.97 -12.60 -30.12
C ALA B 291 49.79 -13.36 -31.19
N MET B 292 49.28 -14.52 -31.63
CA MET B 292 50.00 -15.31 -32.63
C MET B 292 49.10 -15.97 -33.69
N PRO B 293 49.55 -15.93 -34.96
CA PRO B 293 48.77 -16.48 -36.06
C PRO B 293 48.71 -18.01 -36.05
N LEU C 5 23.33 -28.88 28.31
CA LEU C 5 22.61 -27.67 28.72
C LEU C 5 21.11 -27.82 28.58
N GLY C 6 20.38 -27.33 29.57
CA GLY C 6 18.94 -27.28 29.50
C GLY C 6 18.49 -26.10 28.66
N ALA C 7 17.19 -25.82 28.67
CA ALA C 7 16.67 -24.67 27.97
C ALA C 7 16.70 -23.44 28.86
N PRO C 8 17.07 -22.29 28.28
CA PRO C 8 16.94 -21.02 29.00
C PRO C 8 15.51 -20.90 29.53
N GLN C 9 15.35 -20.49 30.78
CA GLN C 9 14.02 -20.39 31.37
C GLN C 9 13.55 -18.95 31.50
N ASN C 10 12.26 -18.77 31.79
CA ASN C 10 11.70 -17.45 32.03
C ASN C 10 11.93 -16.44 30.89
N PRO C 11 11.57 -16.83 29.65
CA PRO C 11 11.73 -15.97 28.47
C PRO C 11 10.90 -14.70 28.66
N ASN C 12 11.51 -13.55 28.45
CA ASN C 12 10.86 -12.29 28.75
C ASN C 12 11.17 -11.20 27.73
N ALA C 13 10.12 -10.71 27.06
CA ALA C 13 10.31 -9.69 26.04
C ALA C 13 9.44 -8.46 26.27
N LYS C 14 9.95 -7.29 25.92
CA LYS C 14 9.16 -6.08 25.96
C LYS C 14 9.62 -5.09 24.88
N ALA C 15 8.68 -4.34 24.33
CA ALA C 15 9.02 -3.32 23.35
C ALA C 15 9.93 -2.25 23.94
N ALA C 16 10.94 -1.86 23.18
CA ALA C 16 11.89 -0.84 23.60
C ALA C 16 12.10 0.19 22.50
N GLY C 17 11.41 1.32 22.59
CA GLY C 17 11.58 2.39 21.63
C GLY C 17 11.21 2.04 20.20
N SER C 18 11.96 2.61 19.25
CA SER C 18 11.61 2.52 17.84
C SER C 18 12.11 1.24 17.17
N ARG C 19 11.18 0.42 16.70
CA ARG C 19 11.52 -0.70 15.84
C ARG C 19 12.44 -1.73 16.49
N LYS C 20 12.42 -1.82 17.82
CA LYS C 20 13.22 -2.80 18.54
C LYS C 20 12.56 -3.39 19.80
N ILE C 21 12.99 -4.59 20.15
CA ILE C 21 12.46 -5.34 21.28
C ILE C 21 13.61 -5.78 22.18
N HIS C 22 13.45 -5.55 23.49
CA HIS C 22 14.38 -6.10 24.49
C HIS C 22 13.94 -7.50 24.86
N PHE C 23 14.84 -8.46 24.71
CA PHE C 23 14.51 -9.86 24.99
C PHE C 23 15.55 -10.45 25.93
N ASN C 24 15.13 -10.86 27.12
CA ASN C 24 16.03 -11.57 28.03
C ASN C 24 15.43 -12.83 28.65
N TRP C 25 16.29 -13.60 29.30
CA TRP C 25 15.90 -14.89 29.84
C TRP C 25 16.75 -15.25 31.06
N LEU C 26 16.43 -16.40 31.65
CA LEU C 26 17.22 -16.93 32.75
C LEU C 26 18.17 -17.99 32.19
N PRO C 27 19.48 -17.81 32.41
CA PRO C 27 20.49 -18.78 31.94
C PRO C 27 20.25 -20.19 32.49
N PRO C 28 20.49 -21.21 31.67
CA PRO C 28 20.33 -22.60 32.14
C PRO C 28 21.43 -22.93 33.14
N SER C 29 21.19 -23.94 33.99
CA SER C 29 22.22 -24.38 34.89
C SER C 29 23.49 -24.70 34.09
N GLY C 30 24.64 -24.39 34.69
CA GLY C 30 25.91 -24.62 34.05
C GLY C 30 26.57 -23.34 33.60
N LYS C 31 27.53 -23.46 32.67
CA LYS C 31 28.26 -22.31 32.17
C LYS C 31 28.22 -22.24 30.65
N PRO C 32 27.10 -21.75 30.11
CA PRO C 32 26.87 -21.59 28.67
C PRO C 32 27.81 -20.55 28.06
N MET C 33 28.35 -20.87 26.89
CA MET C 33 29.23 -19.94 26.18
C MET C 33 28.44 -18.79 25.57
N GLY C 34 27.16 -19.05 25.29
CA GLY C 34 26.32 -18.03 24.68
C GLY C 34 24.94 -18.56 24.32
N TYR C 35 24.16 -17.72 23.65
CA TYR C 35 22.80 -18.08 23.28
C TYR C 35 22.51 -17.78 21.82
N ARG C 36 21.51 -18.46 21.27
CA ARG C 36 21.04 -18.17 19.92
C ARG C 36 19.57 -17.83 19.95
N VAL C 37 19.23 -16.62 19.54
CA VAL C 37 17.85 -16.18 19.49
C VAL C 37 17.27 -16.37 18.10
N LYS C 38 16.10 -16.99 18.05
CA LYS C 38 15.38 -17.19 16.81
C LYS C 38 14.09 -16.36 16.93
N TYR C 39 13.95 -15.35 16.07
CA TYR C 39 12.76 -14.50 16.10
C TYR C 39 12.15 -14.34 14.72
N TRP C 40 10.84 -14.10 14.68
CA TRP C 40 10.14 -13.97 13.42
C TRP C 40 8.82 -13.26 13.64
N ILE C 41 8.17 -12.87 12.55
CA ILE C 41 6.87 -12.22 12.65
C ILE C 41 5.78 -13.27 12.90
N GLN C 42 4.96 -13.06 13.92
CA GLN C 42 3.84 -13.96 14.19
C GLN C 42 3.03 -14.17 12.92
N GLY C 43 2.81 -15.44 12.56
CA GLY C 43 2.10 -15.77 11.35
C GLY C 43 3.00 -16.29 10.24
N ASP C 44 4.28 -15.92 10.32
CA ASP C 44 5.28 -16.44 9.38
C ASP C 44 5.85 -17.76 9.90
N SER C 45 6.38 -18.57 9.00
CA SER C 45 6.97 -19.84 9.40
C SER C 45 8.28 -19.59 10.13
N GLU C 46 8.68 -20.55 10.96
CA GLU C 46 10.00 -20.51 11.58
C GLU C 46 11.07 -20.69 10.50
N SER C 47 10.66 -20.50 9.25
CA SER C 47 11.57 -20.57 8.10
C SER C 47 11.98 -19.16 7.68
N GLU C 48 11.10 -18.20 7.90
CA GLU C 48 11.41 -16.80 7.65
C GLU C 48 12.00 -16.17 8.90
N ALA C 49 12.51 -17.03 9.78
CA ALA C 49 13.05 -16.58 11.05
C ALA C 49 14.42 -15.98 10.88
N HIS C 50 14.77 -15.09 11.79
CA HIS C 50 16.10 -14.52 11.86
C HIS C 50 16.83 -15.13 13.04
N LEU C 51 18.15 -15.16 12.97
CA LEU C 51 18.96 -15.77 14.01
C LEU C 51 19.99 -14.78 14.56
N LEU C 52 19.93 -14.53 15.86
CA LEU C 52 20.87 -13.62 16.52
C LEU C 52 21.74 -14.38 17.50
N ASP C 53 23.01 -14.00 17.58
CA ASP C 53 23.90 -14.56 18.59
C ASP C 53 24.00 -13.62 19.79
N SER C 54 24.22 -14.19 20.98
CA SER C 54 24.53 -13.37 22.15
C SER C 54 25.40 -14.11 23.17
N LYS C 55 26.32 -13.37 23.79
CA LYS C 55 27.17 -13.96 24.81
C LYS C 55 26.57 -13.78 26.19
N VAL C 56 25.55 -12.92 26.27
CA VAL C 56 24.87 -12.60 27.53
C VAL C 56 23.39 -12.97 27.45
N PRO C 57 22.74 -13.17 28.63
CA PRO C 57 21.35 -13.65 28.72
C PRO C 57 20.30 -12.62 28.27
N SER C 58 20.66 -11.75 27.36
CA SER C 58 19.69 -10.81 26.80
C SER C 58 20.10 -10.41 25.39
N VAL C 59 19.19 -9.77 24.67
CA VAL C 59 19.47 -9.35 23.31
C VAL C 59 18.52 -8.23 22.89
N GLU C 60 19.00 -7.35 22.02
CA GLU C 60 18.16 -6.34 21.41
C GLU C 60 17.81 -6.70 19.97
N LEU C 61 16.54 -7.00 19.73
CA LEU C 61 16.08 -7.19 18.36
C LEU C 61 15.87 -5.81 17.75
N THR C 62 16.64 -5.48 16.71
CA THR C 62 16.50 -4.18 16.04
C THR C 62 16.02 -4.31 14.61
N ASN C 63 15.76 -3.18 13.95
CA ASN C 63 15.32 -3.19 12.55
C ASN C 63 14.03 -3.95 12.35
N LEU C 64 13.08 -3.77 13.25
CA LEU C 64 11.81 -4.46 13.14
C LEU C 64 10.74 -3.54 12.58
N TYR C 65 9.65 -4.12 12.11
CA TYR C 65 8.51 -3.32 11.64
C TYR C 65 7.76 -2.74 12.84
N PRO C 66 7.32 -1.49 12.73
CA PRO C 66 6.49 -0.84 13.75
C PRO C 66 5.16 -1.55 13.95
N TYR C 67 4.62 -1.50 15.17
CA TYR C 67 3.32 -2.04 15.51
C TYR C 67 3.14 -3.42 14.91
N CYS C 68 4.07 -4.31 15.23
CA CYS C 68 4.09 -5.63 14.64
C CYS C 68 4.34 -6.69 15.72
N ASP C 69 3.57 -7.78 15.67
CA ASP C 69 3.71 -8.88 16.62
C ASP C 69 4.85 -9.80 16.21
N TYR C 70 5.72 -10.08 17.16
CA TYR C 70 6.88 -10.94 16.92
C TYR C 70 6.88 -12.14 17.86
N GLU C 71 7.29 -13.29 17.34
CA GLU C 71 7.50 -14.48 18.16
C GLU C 71 9.00 -14.67 18.32
N MET C 72 9.42 -15.20 19.45
CA MET C 72 10.84 -15.48 19.66
C MET C 72 11.09 -16.54 20.71
N LYS C 73 12.16 -17.29 20.51
CA LYS C 73 12.63 -18.26 21.49
C LYS C 73 14.16 -18.21 21.47
N VAL C 74 14.77 -18.83 22.48
CA VAL C 74 16.21 -18.74 22.61
C VAL C 74 16.73 -20.07 23.11
N CYS C 75 17.93 -20.43 22.67
CA CYS C 75 18.56 -21.65 23.14
C CYS C 75 19.99 -21.33 23.55
N ALA C 76 20.54 -22.13 24.45
CA ALA C 76 21.91 -21.93 24.90
C ALA C 76 22.84 -22.96 24.25
N TYR C 77 24.11 -22.59 24.09
CA TYR C 77 25.11 -23.50 23.54
C TYR C 77 26.39 -23.42 24.36
N GLY C 78 27.22 -24.45 24.24
CA GLY C 78 28.48 -24.48 24.97
C GLY C 78 29.34 -25.68 24.64
N ALA C 79 30.04 -26.19 25.64
CA ALA C 79 30.98 -27.28 25.45
C ALA C 79 30.37 -28.48 24.69
N GLN C 80 29.11 -28.78 24.99
CA GLN C 80 28.50 -29.99 24.44
C GLN C 80 27.48 -29.67 23.34
N GLY C 81 27.65 -28.53 22.70
CA GLY C 81 26.79 -28.13 21.60
C GLY C 81 25.61 -27.29 22.02
N GLU C 82 24.54 -27.35 21.22
CA GLU C 82 23.31 -26.60 21.50
C GLU C 82 22.31 -27.37 22.35
N GLY C 83 21.64 -26.66 23.24
CA GLY C 83 20.60 -27.24 24.06
C GLY C 83 19.23 -26.89 23.53
N PRO C 84 18.18 -27.41 24.17
CA PRO C 84 16.79 -27.18 23.73
C PRO C 84 16.48 -25.70 23.67
N TYR C 85 15.44 -25.34 22.94
CA TYR C 85 14.97 -23.97 22.92
C TYR C 85 14.04 -23.71 24.09
N SER C 86 13.98 -22.45 24.51
CA SER C 86 13.04 -22.00 25.51
C SER C 86 11.63 -22.05 24.93
N SER C 87 10.64 -21.86 25.79
CA SER C 87 9.27 -21.74 25.33
C SER C 87 9.12 -20.45 24.53
N LEU C 88 8.09 -20.36 23.70
CA LEU C 88 7.89 -19.18 22.86
C LEU C 88 7.39 -17.98 23.64
N VAL C 89 7.91 -16.80 23.31
CA VAL C 89 7.39 -15.56 23.89
C VAL C 89 6.99 -14.61 22.74
N SER C 90 5.83 -13.96 22.89
CA SER C 90 5.32 -13.06 21.87
C SER C 90 5.37 -11.62 22.36
N CYS C 91 5.69 -10.69 21.47
CA CYS C 91 5.77 -9.29 21.83
C CYS C 91 5.52 -8.37 20.64
N ARG C 92 4.81 -7.27 20.87
CA ARG C 92 4.55 -6.31 19.81
C ARG C 92 5.37 -5.04 19.95
N THR C 93 5.89 -4.56 18.82
CA THR C 93 6.70 -3.34 18.78
C THR C 93 5.85 -2.10 18.97
N HIS C 94 6.50 -0.99 19.32
CA HIS C 94 5.79 0.27 19.48
C HIS C 94 5.42 0.83 18.11
N GLN C 95 4.61 1.86 18.09
CA GLN C 95 4.08 2.37 16.85
C GLN C 95 4.94 3.50 16.29
N GLU C 96 4.78 3.76 14.99
CA GLU C 96 5.38 4.92 14.36
C GLU C 96 4.29 5.71 13.69
N VAL C 97 4.49 7.02 13.53
CA VAL C 97 3.53 7.82 12.77
C VAL C 97 3.34 7.21 11.38
N PRO C 98 2.11 7.32 10.84
CA PRO C 98 1.76 6.70 9.56
C PRO C 98 2.44 7.39 8.38
N SER C 99 2.38 6.75 7.22
CA SER C 99 2.83 7.39 5.98
C SER C 99 1.75 8.33 5.45
N GLU C 100 1.99 8.94 4.30
CA GLU C 100 0.95 9.75 3.66
C GLU C 100 -0.31 8.92 3.36
N PRO C 101 -1.49 9.52 3.55
CA PRO C 101 -2.71 8.91 3.04
C PRO C 101 -2.60 8.73 1.54
N GLY C 102 -3.45 7.89 0.95
CA GLY C 102 -3.40 7.64 -0.48
C GLY C 102 -3.70 8.88 -1.29
N ARG C 103 -3.33 8.89 -2.57
CA ARG C 103 -3.62 10.06 -3.40
C ARG C 103 -5.09 10.47 -3.35
N LEU C 104 -5.33 11.78 -3.38
CA LEU C 104 -6.67 12.33 -3.18
C LEU C 104 -7.50 12.23 -4.44
N ALA C 105 -8.75 11.79 -4.26
CA ALA C 105 -9.71 11.66 -5.36
C ALA C 105 -10.87 12.62 -5.15
N PHE C 106 -11.27 13.30 -6.23
CA PHE C 106 -12.32 14.30 -6.15
C PHE C 106 -13.55 13.96 -7.02
N ASN C 107 -14.72 13.92 -6.39
CA ASN C 107 -15.98 13.83 -7.12
C ASN C 107 -16.64 15.19 -7.18
N VAL C 108 -16.54 15.85 -8.33
CA VAL C 108 -17.15 17.17 -8.50
C VAL C 108 -18.67 17.05 -8.49
N VAL C 109 -19.29 17.65 -7.47
CA VAL C 109 -20.74 17.63 -7.35
C VAL C 109 -21.33 18.88 -8.01
N SER C 110 -20.58 19.97 -7.96
CA SER C 110 -20.96 21.23 -8.61
C SER C 110 -19.77 22.19 -8.60
N SER C 111 -20.00 23.41 -9.07
CA SER C 111 -18.93 24.40 -9.15
C SER C 111 -18.52 24.90 -7.76
N THR C 112 -19.29 24.51 -6.76
CA THR C 112 -19.03 24.93 -5.38
C THR C 112 -19.01 23.76 -4.39
N VAL C 113 -19.20 22.55 -4.88
CA VAL C 113 -19.24 21.38 -4.02
C VAL C 113 -18.39 20.25 -4.57
N THR C 114 -17.70 19.54 -3.68
CA THR C 114 -16.89 18.39 -4.08
C THR C 114 -16.83 17.31 -3.01
N GLN C 115 -16.66 16.08 -3.44
CA GLN C 115 -16.48 14.97 -2.51
C GLN C 115 -15.05 14.49 -2.56
N LEU C 116 -14.30 14.86 -1.54
CA LEU C 116 -12.92 14.45 -1.39
C LEU C 116 -12.87 13.06 -0.76
N SER C 117 -11.96 12.22 -1.26
CA SER C 117 -11.78 10.89 -0.68
C SER C 117 -10.33 10.45 -0.84
N TRP C 118 -9.86 9.65 0.11
CA TRP C 118 -8.46 9.23 0.13
C TRP C 118 -8.42 7.78 0.59
N ALA C 119 -7.31 7.10 0.30
CA ALA C 119 -7.10 5.76 0.83
C ALA C 119 -6.29 5.84 2.12
N GLU C 120 -6.35 4.77 2.90
CA GLU C 120 -5.53 4.64 4.11
C GLU C 120 -4.05 4.62 3.74
N PRO C 121 -3.20 5.21 4.59
CA PRO C 121 -1.75 5.17 4.39
C PRO C 121 -1.26 3.76 4.06
N ALA C 122 -0.30 3.66 3.13
CA ALA C 122 0.21 2.37 2.73
C ALA C 122 0.91 1.68 3.89
N GLU C 123 1.52 2.48 4.76
CA GLU C 123 2.11 1.99 6.00
C GLU C 123 1.49 2.73 7.17
N THR C 124 0.55 2.08 7.87
CA THR C 124 -0.11 2.69 9.00
C THR C 124 0.85 2.76 10.19
N ASN C 125 1.69 1.74 10.35
CA ASN C 125 2.67 1.70 11.42
C ASN C 125 1.98 1.76 12.77
N GLY C 126 0.73 1.36 12.81
CA GLY C 126 -0.05 1.41 14.03
C GLY C 126 -1.54 1.39 13.73
N GLU C 127 -2.33 1.73 14.75
CA GLU C 127 -3.77 1.78 14.60
C GLU C 127 -4.16 3.23 14.36
N ILE C 128 -4.57 3.53 13.14
CA ILE C 128 -4.99 4.88 12.79
C ILE C 128 -6.29 5.25 13.50
N THR C 129 -6.31 6.45 14.10
CA THR C 129 -7.43 6.87 14.94
C THR C 129 -8.13 8.13 14.45
N ALA C 130 -7.46 8.90 13.60
CA ALA C 130 -8.07 10.09 13.01
C ALA C 130 -7.43 10.49 11.67
N TYR C 131 -8.10 11.39 10.96
CA TYR C 131 -7.53 12.04 9.77
C TYR C 131 -7.80 13.50 9.94
N GLU C 132 -6.90 14.33 9.41
CA GLU C 132 -7.13 15.77 9.38
C GLU C 132 -7.11 16.23 7.93
N VAL C 133 -8.12 17.00 7.57
CA VAL C 133 -8.22 17.56 6.23
C VAL C 133 -8.08 19.07 6.32
N CYS C 134 -7.10 19.61 5.61
CA CYS C 134 -7.02 21.06 5.47
C CYS C 134 -7.35 21.43 4.03
N TYR C 135 -8.00 22.58 3.84
CA TYR C 135 -8.23 23.11 2.51
C TYR C 135 -8.34 24.63 2.56
N GLY C 136 -7.88 25.31 1.51
CA GLY C 136 -7.95 26.76 1.45
C GLY C 136 -7.59 27.33 0.09
N LEU C 137 -7.99 28.58 -0.15
CA LEU C 137 -7.66 29.29 -1.38
C LEU C 137 -6.15 29.37 -1.64
N VAL C 138 -5.75 29.14 -2.89
CA VAL C 138 -4.39 29.41 -3.33
C VAL C 138 -4.43 30.33 -4.56
N ASN C 139 -3.32 31.02 -4.83
CA ASN C 139 -3.28 31.93 -5.97
C ASN C 139 -2.78 31.24 -7.25
N ASP C 140 -2.16 32.03 -8.10
CA ASP C 140 -1.69 31.57 -9.40
C ASP C 140 -0.45 30.69 -9.29
N ASP C 141 0.40 30.97 -8.30
CA ASP C 141 1.61 30.20 -8.10
C ASP C 141 1.36 29.00 -7.19
N ASN C 142 0.10 28.83 -6.80
CA ASN C 142 -0.35 27.65 -6.05
C ASN C 142 0.07 27.63 -4.58
N ARG C 143 0.19 28.82 -3.99
CA ARG C 143 0.48 28.92 -2.57
C ARG C 143 -0.68 29.60 -1.84
N PRO C 144 -1.04 29.09 -0.66
CA PRO C 144 -2.20 29.58 0.10
C PRO C 144 -2.13 31.08 0.32
N ILE C 145 -3.28 31.76 0.23
CA ILE C 145 -3.32 33.20 0.38
C ILE C 145 -3.87 33.57 1.75
N GLY C 146 -4.33 32.56 2.49
CA GLY C 146 -4.95 32.78 3.77
C GLY C 146 -4.97 31.54 4.62
N PRO C 147 -5.63 31.61 5.79
CA PRO C 147 -5.67 30.48 6.71
C PRO C 147 -6.44 29.30 6.11
N MET C 148 -5.89 28.11 6.27
CA MET C 148 -6.56 26.92 5.79
C MET C 148 -7.59 26.44 6.80
N LYS C 149 -8.77 26.09 6.30
CA LYS C 149 -9.78 25.45 7.13
C LYS C 149 -9.28 24.06 7.51
N LYS C 150 -9.42 23.73 8.78
CA LYS C 150 -8.98 22.44 9.30
C LYS C 150 -10.19 21.61 9.70
N VAL C 151 -10.16 20.32 9.35
CA VAL C 151 -11.26 19.43 9.68
C VAL C 151 -10.73 18.14 10.29
N LEU C 152 -11.23 17.83 11.47
CA LEU C 152 -10.85 16.61 12.13
C LEU C 152 -11.87 15.52 11.83
N VAL C 153 -11.39 14.40 11.33
CA VAL C 153 -12.23 13.24 11.15
C VAL C 153 -11.89 12.24 12.24
N ASP C 154 -12.77 12.10 13.22
CA ASP C 154 -12.49 11.30 14.41
C ASP C 154 -12.80 9.83 14.18
N ASN C 155 -13.46 9.53 13.08
CA ASN C 155 -13.68 8.14 12.67
C ASN C 155 -12.78 7.78 11.49
N PRO C 156 -11.74 6.99 11.76
CA PRO C 156 -10.69 6.64 10.79
C PRO C 156 -11.20 5.77 9.66
N LYS C 157 -12.41 5.21 9.83
CA LYS C 157 -12.99 4.36 8.80
C LYS C 157 -13.67 5.20 7.72
N ASN C 158 -13.88 6.47 8.05
CA ASN C 158 -14.50 7.42 7.14
C ASN C 158 -13.44 8.19 6.35
N ARG C 159 -13.17 7.74 5.12
CA ARG C 159 -12.12 8.38 4.32
C ARG C 159 -12.70 9.17 3.17
N MET C 160 -13.82 9.83 3.43
CA MET C 160 -14.55 10.58 2.43
C MET C 160 -15.01 11.87 3.12
N LEU C 161 -15.11 12.97 2.41
CA LEU C 161 -15.48 14.23 3.03
C LEU C 161 -16.22 15.09 2.01
N LEU C 162 -17.43 15.53 2.36
CA LEU C 162 -18.21 16.37 1.47
C LEU C 162 -17.98 17.83 1.82
N ILE C 163 -17.28 18.54 0.95
CA ILE C 163 -16.99 19.96 1.17
C ILE C 163 -17.78 20.83 0.23
N GLU C 164 -18.66 21.66 0.78
CA GLU C 164 -19.52 22.49 -0.05
C GLU C 164 -19.26 23.97 0.20
N ASN C 165 -19.87 24.84 -0.59
CA ASN C 165 -19.72 26.28 -0.39
C ASN C 165 -18.36 26.85 -0.82
N LEU C 166 -17.67 26.15 -1.71
CA LEU C 166 -16.41 26.65 -2.24
C LEU C 166 -16.65 27.74 -3.28
N ARG C 167 -15.62 28.49 -3.63
CA ARG C 167 -15.76 29.58 -4.59
C ARG C 167 -15.57 29.12 -6.03
N GLU C 168 -16.44 29.61 -6.91
CA GLU C 168 -16.40 29.23 -8.31
C GLU C 168 -15.06 29.60 -8.94
N SER C 169 -14.58 28.72 -9.81
CA SER C 169 -13.37 29.00 -10.59
C SER C 169 -12.18 29.40 -9.73
N GLN C 170 -12.22 29.02 -8.47
CA GLN C 170 -11.11 29.30 -7.54
C GLN C 170 -10.33 28.02 -7.23
N PRO C 171 -9.00 28.10 -7.31
CA PRO C 171 -8.12 26.99 -6.96
C PRO C 171 -8.08 26.77 -5.45
N TYR C 172 -8.19 25.52 -5.02
CA TYR C 172 -8.09 25.20 -3.61
C TYR C 172 -7.03 24.12 -3.42
N ARG C 173 -6.21 24.27 -2.38
CA ARG C 173 -5.28 23.21 -2.00
C ARG C 173 -5.89 22.35 -0.91
N TYR C 174 -5.72 21.04 -1.03
CA TYR C 174 -6.29 20.10 -0.07
C TYR C 174 -5.18 19.21 0.46
N THR C 175 -5.18 18.96 1.76
CA THR C 175 -4.25 18.03 2.38
C THR C 175 -4.99 17.10 3.30
N VAL C 176 -4.55 15.84 3.33
CA VAL C 176 -5.05 14.87 4.30
C VAL C 176 -3.86 14.27 4.99
N LYS C 177 -3.93 14.13 6.32
CA LYS C 177 -2.90 13.42 7.05
C LYS C 177 -3.57 12.49 8.04
N ALA C 178 -2.85 11.43 8.43
CA ALA C 178 -3.37 10.45 9.37
C ALA C 178 -2.68 10.53 10.75
N ARG C 179 -3.41 10.11 11.78
CA ARG C 179 -2.85 10.02 13.12
C ARG C 179 -3.02 8.61 13.67
N ASN C 180 -2.02 8.16 14.42
CA ASN C 180 -2.17 6.95 15.23
C ASN C 180 -1.57 7.18 16.59
N GLY C 181 -1.32 6.09 17.31
CA GLY C 181 -0.76 6.16 18.65
C GLY C 181 0.46 7.05 18.76
N ALA C 182 1.33 6.99 17.75
CA ALA C 182 2.58 7.75 17.76
C ALA C 182 2.42 9.23 17.38
N GLY C 183 1.25 9.61 16.89
CA GLY C 183 1.06 10.99 16.46
C GLY C 183 0.69 11.11 14.98
N TRP C 184 0.98 12.26 14.39
CA TRP C 184 0.57 12.56 13.02
C TRP C 184 1.65 12.28 11.99
N GLY C 185 1.23 11.74 10.85
CA GLY C 185 2.15 11.50 9.75
C GLY C 185 2.16 12.66 8.77
N PRO C 186 2.94 12.53 7.69
CA PRO C 186 3.05 13.53 6.62
C PRO C 186 1.75 13.70 5.82
N GLU C 187 1.66 14.79 5.07
CA GLU C 187 0.42 15.16 4.37
C GLU C 187 0.45 14.73 2.92
N ARG C 188 -0.72 14.33 2.42
CA ARG C 188 -0.96 14.13 0.99
C ARG C 188 -1.66 15.35 0.43
N GLU C 189 -1.17 15.87 -0.69
CA GLU C 189 -1.58 17.18 -1.19
C GLU C 189 -2.19 17.10 -2.60
N ALA C 190 -3.09 18.03 -2.92
CA ALA C 190 -3.62 18.18 -4.27
C ALA C 190 -4.24 19.56 -4.46
N ILE C 191 -3.91 20.22 -5.57
CA ILE C 191 -4.53 21.49 -5.92
C ILE C 191 -5.61 21.23 -6.95
N ILE C 192 -6.82 21.72 -6.69
CA ILE C 192 -7.95 21.44 -7.57
C ILE C 192 -8.85 22.64 -7.76
N ASN C 193 -9.10 22.96 -9.03
CA ASN C 193 -10.08 23.97 -9.41
C ASN C 193 -11.30 23.27 -10.04
N LEU C 194 -12.46 23.42 -9.40
CA LEU C 194 -13.68 22.74 -9.82
C LEU C 194 -14.20 23.20 -11.18
N ALA C 195 -14.10 24.51 -11.42
CA ALA C 195 -14.52 25.09 -12.69
C ALA C 195 -13.72 24.52 -13.85
N THR C 196 -12.44 24.23 -13.60
CA THR C 196 -11.55 23.74 -14.65
C THR C 196 -12.01 22.42 -15.25
N GLN C 197 -12.37 21.48 -14.38
CA GLN C 197 -12.65 20.11 -14.80
C GLN C 197 -13.99 19.97 -15.53
N MET C 202 -18.38 14.24 -14.71
CA MET C 202 -19.72 14.36 -14.12
C MET C 202 -19.78 13.71 -12.73
N SER C 203 -19.72 12.38 -12.69
CA SER C 203 -19.71 11.66 -11.42
C SER C 203 -18.45 10.79 -11.31
N ILE C 204 -17.54 10.96 -12.26
CA ILE C 204 -16.30 10.18 -12.28
C ILE C 204 -15.17 10.93 -11.57
N PRO C 205 -14.48 10.25 -10.63
CA PRO C 205 -13.48 10.96 -9.81
C PRO C 205 -12.27 11.47 -10.59
N ILE C 206 -11.81 12.65 -10.20
CA ILE C 206 -10.61 13.28 -10.72
C ILE C 206 -9.46 13.00 -9.76
N ILE C 207 -8.24 12.92 -10.28
CA ILE C 207 -7.08 12.70 -9.44
C ILE C 207 -5.85 13.41 -10.00
N PRO C 208 -5.49 14.55 -9.39
CA PRO C 208 -4.28 15.32 -9.73
C PRO C 208 -3.01 14.47 -9.70
N ASP D 4 2.54 39.66 6.34
CA ASP D 4 3.24 38.70 5.48
C ASP D 4 4.48 38.13 6.17
N LEU D 5 4.74 36.85 5.94
CA LEU D 5 5.79 36.15 6.66
C LEU D 5 7.04 35.96 5.81
N GLY D 6 8.20 36.17 6.43
CA GLY D 6 9.46 35.86 5.80
C GLY D 6 9.75 34.38 5.86
N ALA D 7 10.96 34.00 5.49
CA ALA D 7 11.38 32.61 5.57
C ALA D 7 11.95 32.32 6.95
N PRO D 8 11.63 31.15 7.50
CA PRO D 8 12.31 30.68 8.70
C PRO D 8 13.83 30.75 8.50
N GLN D 9 14.57 31.25 9.48
CA GLN D 9 16.00 31.39 9.31
C GLN D 9 16.77 30.34 10.11
N ASN D 10 18.06 30.19 9.82
CA ASN D 10 18.95 29.35 10.61
C ASN D 10 18.47 27.90 10.68
N PRO D 11 18.21 27.30 9.51
CA PRO D 11 17.77 25.90 9.41
C PRO D 11 18.83 24.99 9.99
N ASN D 12 18.43 24.06 10.85
CA ASN D 12 19.40 23.30 11.60
C ASN D 12 18.92 21.88 11.81
N ALA D 13 19.67 20.91 11.29
CA ALA D 13 19.30 19.51 11.39
C ALA D 13 20.42 18.64 11.94
N LYS D 14 20.05 17.64 12.74
CA LYS D 14 21.02 16.66 13.21
C LYS D 14 20.36 15.30 13.39
N ALA D 15 21.11 14.23 13.14
CA ALA D 15 20.61 12.87 13.34
C ALA D 15 20.27 12.61 14.80
N ALA D 16 19.14 11.95 15.01
CA ALA D 16 18.68 11.63 16.35
C ALA D 16 18.22 10.19 16.47
N GLY D 17 19.02 9.35 17.08
CA GLY D 17 18.60 7.99 17.31
C GLY D 17 18.27 7.21 16.04
N SER D 18 17.30 6.31 16.15
CA SER D 18 17.00 5.34 15.10
C SER D 18 16.09 5.88 14.00
N ARG D 19 16.62 5.99 12.79
CA ARG D 19 15.80 6.25 11.61
C ARG D 19 15.07 7.59 11.67
N LYS D 20 15.66 8.56 12.39
CA LYS D 20 15.04 9.88 12.54
C LYS D 20 16.03 11.04 12.64
N ILE D 21 15.54 12.22 12.27
CA ILE D 21 16.31 13.45 12.24
C ILE D 21 15.58 14.55 13.00
N HIS D 22 16.30 15.24 13.89
CA HIS D 22 15.78 16.43 14.56
C HIS D 22 16.04 17.66 13.69
N PHE D 23 14.99 18.39 13.36
CA PHE D 23 15.11 19.53 12.48
C PHE D 23 14.45 20.74 13.11
N ASN D 24 15.24 21.78 13.38
CA ASN D 24 14.66 23.03 13.87
C ASN D 24 15.18 24.27 13.15
N TRP D 25 14.55 25.40 13.45
CA TRP D 25 14.83 26.64 12.76
C TRP D 25 14.50 27.84 13.65
N LEU D 26 14.79 29.03 13.14
CA LEU D 26 14.43 30.26 13.83
C LEU D 26 13.16 30.79 13.20
N PRO D 27 12.11 31.00 14.01
CA PRO D 27 10.84 31.52 13.53
C PRO D 27 11.01 32.88 12.82
N PRO D 28 10.24 33.12 11.76
CA PRO D 28 10.28 34.43 11.09
C PRO D 28 9.66 35.50 11.98
N SER D 29 10.02 36.76 11.77
CA SER D 29 9.35 37.84 12.47
C SER D 29 7.83 37.71 12.33
N GLY D 30 7.13 38.04 13.41
CA GLY D 30 5.69 37.98 13.41
C GLY D 30 5.17 36.83 14.25
N LYS D 31 3.92 36.43 14.01
CA LYS D 31 3.30 35.36 14.79
C LYS D 31 2.72 34.28 13.88
N PRO D 32 3.59 33.40 13.36
CA PRO D 32 3.24 32.28 12.48
C PRO D 32 2.37 31.26 13.18
N MET D 33 1.33 30.78 12.51
CA MET D 33 0.46 29.75 13.05
C MET D 33 1.15 28.39 13.05
N GLY D 34 2.12 28.21 12.17
CA GLY D 34 2.82 26.95 12.09
C GLY D 34 3.77 26.90 10.91
N TYR D 35 4.37 25.74 10.70
CA TYR D 35 5.36 25.55 9.65
C TYR D 35 5.08 24.31 8.83
N ARG D 36 5.63 24.29 7.62
CA ARG D 36 5.51 23.13 6.74
C ARG D 36 6.90 22.67 6.35
N VAL D 37 7.26 21.46 6.73
CA VAL D 37 8.57 20.93 6.39
C VAL D 37 8.48 20.05 5.15
N LYS D 38 9.38 20.30 4.21
CA LYS D 38 9.48 19.51 3.00
C LYS D 38 10.84 18.80 3.05
N TYR D 39 10.83 17.48 3.12
CA TYR D 39 12.07 16.71 3.16
C TYR D 39 12.08 15.58 2.14
N TRP D 40 13.28 15.22 1.69
CA TRP D 40 13.42 14.15 0.70
C TRP D 40 14.83 13.58 0.72
N ILE D 41 15.03 12.45 0.04
CA ILE D 41 16.35 11.82 -0.05
C ILE D 41 17.21 12.56 -1.07
N GLN D 42 18.41 12.96 -0.65
CA GLN D 42 19.35 13.62 -1.56
C GLN D 42 19.47 12.80 -2.84
N GLY D 43 19.26 13.45 -3.98
CA GLY D 43 19.34 12.77 -5.25
C GLY D 43 17.98 12.54 -5.88
N ASP D 44 16.95 12.55 -5.05
CA ASP D 44 15.58 12.46 -5.53
C ASP D 44 15.04 13.85 -5.82
N SER D 45 14.04 13.93 -6.69
CA SER D 45 13.44 15.21 -7.02
C SER D 45 12.64 15.74 -5.84
N GLU D 46 12.47 17.06 -5.77
CA GLU D 46 11.55 17.64 -4.80
C GLU D 46 10.11 17.23 -5.12
N SER D 47 9.98 16.20 -5.96
CA SER D 47 8.68 15.63 -6.30
C SER D 47 8.40 14.39 -5.46
N GLU D 48 9.46 13.69 -5.07
CA GLU D 48 9.34 12.55 -4.16
C GLU D 48 9.47 13.03 -2.72
N ALA D 49 9.22 14.32 -2.51
CA ALA D 49 9.36 14.91 -1.20
C ALA D 49 8.17 14.58 -0.31
N HIS D 50 8.42 14.53 0.99
CA HIS D 50 7.36 14.37 1.99
C HIS D 50 7.06 15.71 2.65
N LEU D 51 5.85 15.86 3.17
CA LEU D 51 5.43 17.12 3.76
C LEU D 51 4.93 16.90 5.17
N LEU D 52 5.57 17.57 6.14
CA LEU D 52 5.21 17.49 7.55
C LEU D 52 4.70 18.83 8.08
N ASP D 53 3.67 18.78 8.91
CA ASP D 53 3.17 20.01 9.53
C ASP D 53 3.80 20.14 10.91
N SER D 54 3.98 21.38 11.37
CA SER D 54 4.34 21.61 12.77
C SER D 54 3.81 22.93 13.30
N LYS D 55 3.43 22.96 14.58
CA LYS D 55 2.94 24.19 15.19
C LYS D 55 4.08 24.90 15.90
N VAL D 56 5.18 24.19 16.09
CA VAL D 56 6.36 24.70 16.76
C VAL D 56 7.58 24.72 15.83
N PRO D 57 8.58 25.57 16.12
CA PRO D 57 9.76 25.76 15.25
C PRO D 57 10.72 24.56 15.21
N SER D 58 10.20 23.36 15.37
CA SER D 58 11.03 22.17 15.22
C SER D 58 10.18 20.99 14.77
N VAL D 59 10.83 19.92 14.33
CA VAL D 59 10.09 18.74 13.91
C VAL D 59 10.98 17.51 13.98
N GLU D 60 10.36 16.35 14.19
CA GLU D 60 11.10 15.09 14.13
C GLU D 60 10.73 14.34 12.85
N LEU D 61 11.68 14.21 11.94
CA LEU D 61 11.50 13.36 10.79
C LEU D 61 11.71 11.92 11.23
N THR D 62 10.68 11.09 11.12
CA THR D 62 10.79 9.69 11.50
C THR D 62 10.59 8.74 10.32
N ASN D 63 10.79 7.45 10.55
CA ASN D 63 10.61 6.46 9.49
C ASN D 63 11.51 6.70 8.29
N LEU D 64 12.76 7.08 8.55
CA LEU D 64 13.72 7.30 7.49
C LEU D 64 14.62 6.08 7.29
N TYR D 65 15.27 6.01 6.14
CA TYR D 65 16.25 4.97 5.89
C TYR D 65 17.53 5.25 6.69
N PRO D 66 18.12 4.22 7.28
CA PRO D 66 19.43 4.31 7.95
C PRO D 66 20.55 4.77 7.00
N TYR D 67 21.54 5.46 7.56
CA TYR D 67 22.74 5.88 6.84
C TYR D 67 22.39 6.48 5.49
N CYS D 68 21.51 7.47 5.52
CA CYS D 68 20.98 8.03 4.30
C CYS D 68 20.99 9.55 4.36
N ASP D 69 21.43 10.20 3.29
CA ASP D 69 21.47 11.67 3.22
C ASP D 69 20.10 12.21 2.86
N TYR D 70 19.64 13.18 3.65
CA TYR D 70 18.34 13.80 3.43
C TYR D 70 18.49 15.30 3.22
N GLU D 71 17.66 15.85 2.36
CA GLU D 71 17.60 17.29 2.21
C GLU D 71 16.28 17.77 2.79
N MET D 72 16.25 19.00 3.29
CA MET D 72 15.02 19.52 3.87
C MET D 72 15.01 21.04 3.93
N LYS D 73 13.81 21.60 3.82
CA LYS D 73 13.60 23.02 3.98
C LYS D 73 12.25 23.19 4.67
N VAL D 74 11.98 24.39 5.14
CA VAL D 74 10.80 24.63 5.92
C VAL D 74 10.26 26.01 5.59
N CYS D 75 8.94 26.15 5.63
CA CYS D 75 8.32 27.44 5.40
C CYS D 75 7.29 27.68 6.46
N ALA D 76 7.02 28.95 6.76
CA ALA D 76 6.01 29.28 7.76
C ALA D 76 4.71 29.72 7.08
N TYR D 77 3.60 29.53 7.78
CA TYR D 77 2.30 29.99 7.29
C TYR D 77 1.52 30.67 8.39
N GLY D 78 0.52 31.47 8.02
CA GLY D 78 -0.32 32.14 9.00
C GLY D 78 -1.46 32.92 8.37
N ALA D 79 -1.78 34.07 8.97
CA ALA D 79 -2.91 34.88 8.54
C ALA D 79 -2.92 35.17 7.04
N GLN D 80 -1.75 35.42 6.45
CA GLN D 80 -1.69 35.83 5.06
C GLN D 80 -1.17 34.71 4.16
N GLY D 81 -1.33 33.47 4.60
CA GLY D 81 -0.95 32.31 3.81
C GLY D 81 0.47 31.82 4.08
N GLU D 82 1.07 31.18 3.08
CA GLU D 82 2.43 30.64 3.22
C GLU D 82 3.49 31.64 2.80
N GLY D 83 4.63 31.61 3.50
CA GLY D 83 5.77 32.44 3.17
C GLY D 83 6.84 31.63 2.47
N PRO D 84 7.93 32.30 2.08
CA PRO D 84 9.02 31.63 1.36
C PRO D 84 9.57 30.46 2.16
N TYR D 85 10.26 29.55 1.49
CA TYR D 85 10.97 28.47 2.17
C TYR D 85 12.33 28.92 2.65
N SER D 86 12.80 28.27 3.71
CA SER D 86 14.14 28.50 4.20
C SER D 86 15.14 27.96 3.20
N SER D 87 16.41 28.27 3.42
CA SER D 87 17.47 27.67 2.63
C SER D 87 17.53 26.16 2.92
N LEU D 88 18.15 25.40 2.01
CA LEU D 88 18.21 23.95 2.17
C LEU D 88 19.22 23.53 3.23
N VAL D 89 18.86 22.53 4.02
CA VAL D 89 19.81 21.92 4.95
C VAL D 89 19.89 20.42 4.69
N SER D 90 21.10 19.87 4.70
CA SER D 90 21.32 18.46 4.43
C SER D 90 21.78 17.74 5.70
N CYS D 91 21.33 16.51 5.89
CA CYS D 91 21.68 15.74 7.08
C CYS D 91 21.59 14.24 6.85
N ARG D 92 22.54 13.48 7.40
CA ARG D 92 22.54 12.03 7.25
C ARG D 92 22.12 11.32 8.52
N THR D 93 21.33 10.27 8.36
CA THR D 93 20.82 9.49 9.48
C THR D 93 21.91 8.59 10.04
N HIS D 94 21.69 8.10 11.26
CA HIS D 94 22.64 7.21 11.90
C HIS D 94 22.49 5.80 11.35
N GLN D 95 23.19 4.87 11.98
CA GLN D 95 23.29 3.52 11.46
C GLN D 95 22.41 2.52 12.18
N GLU D 96 22.07 1.45 11.48
CA GLU D 96 21.40 0.31 12.08
C GLU D 96 22.22 -0.93 11.78
N VAL D 97 22.12 -1.95 12.64
CA VAL D 97 22.78 -3.21 12.35
C VAL D 97 22.35 -3.70 10.97
N PRO D 98 23.26 -4.37 10.26
CA PRO D 98 23.00 -4.85 8.89
C PRO D 98 21.98 -5.99 8.85
N SER D 99 21.51 -6.30 7.66
CA SER D 99 20.68 -7.48 7.46
C SER D 99 21.57 -8.72 7.38
N GLU D 100 20.97 -9.88 7.14
CA GLU D 100 21.72 -11.09 6.87
C GLU D 100 22.65 -10.93 5.67
N PRO D 101 23.87 -11.49 5.76
CA PRO D 101 24.73 -11.62 4.58
C PRO D 101 24.01 -12.43 3.52
N GLY D 102 24.46 -12.37 2.27
CA GLY D 102 23.84 -13.13 1.19
C GLY D 102 23.93 -14.63 1.41
N ARG D 103 23.09 -15.40 0.72
CA ARG D 103 23.13 -16.85 0.84
C ARG D 103 24.56 -17.39 0.68
N LEU D 104 24.89 -18.41 1.46
CA LEU D 104 26.24 -18.96 1.47
C LEU D 104 26.52 -19.88 0.28
N ALA D 105 27.67 -19.67 -0.35
CA ALA D 105 28.09 -20.48 -1.49
C ALA D 105 29.33 -21.29 -1.12
N PHE D 106 29.34 -22.56 -1.50
CA PHE D 106 30.43 -23.47 -1.17
C PHE D 106 31.18 -24.01 -2.39
N ASN D 107 32.49 -23.82 -2.41
CA ASN D 107 33.33 -24.48 -3.41
C ASN D 107 34.06 -25.65 -2.76
N VAL D 108 33.59 -26.86 -3.04
CA VAL D 108 34.22 -28.06 -2.48
C VAL D 108 35.59 -28.27 -3.09
N VAL D 109 36.63 -28.17 -2.26
CA VAL D 109 38.01 -28.36 -2.70
C VAL D 109 38.41 -29.81 -2.51
N SER D 110 37.85 -30.44 -1.49
CA SER D 110 38.08 -31.85 -1.18
C SER D 110 37.10 -32.32 -0.10
N SER D 111 37.24 -33.57 0.33
CA SER D 111 36.34 -34.12 1.35
C SER D 111 36.57 -33.49 2.72
N THR D 112 37.65 -32.71 2.83
CA THR D 112 38.00 -32.06 4.10
C THR D 112 38.24 -30.55 3.96
N VAL D 113 38.10 -30.03 2.74
CA VAL D 113 38.36 -28.61 2.50
C VAL D 113 37.25 -27.97 1.68
N THR D 114 36.89 -26.74 2.03
CA THR D 114 35.87 -25.99 1.30
C THR D 114 36.12 -24.50 1.29
N GLN D 115 35.65 -23.85 0.24
CA GLN D 115 35.75 -22.42 0.09
C GLN D 115 34.37 -21.79 0.29
N LEU D 116 34.13 -21.28 1.49
CA LEU D 116 32.90 -20.58 1.80
C LEU D 116 32.94 -19.15 1.29
N SER D 117 31.83 -18.69 0.71
CA SER D 117 31.75 -17.30 0.27
C SER D 117 30.32 -16.79 0.42
N TRP D 118 30.18 -15.50 0.67
CA TRP D 118 28.88 -14.87 0.86
C TRP D 118 28.86 -13.50 0.22
N ALA D 119 27.66 -12.99 -0.05
CA ALA D 119 27.51 -11.63 -0.53
C ALA D 119 27.30 -10.68 0.65
N GLU D 120 27.56 -9.40 0.41
CA GLU D 120 27.27 -8.35 1.38
C GLU D 120 25.77 -8.29 1.67
N PRO D 121 25.40 -7.99 2.91
CA PRO D 121 23.99 -7.81 3.27
C PRO D 121 23.26 -6.88 2.29
N ALA D 122 22.02 -7.23 1.96
CA ALA D 122 21.25 -6.46 0.99
C ALA D 122 20.99 -5.05 1.54
N GLU D 123 20.85 -4.97 2.86
CA GLU D 123 20.77 -3.68 3.53
C GLU D 123 21.88 -3.58 4.55
N THR D 124 22.94 -2.86 4.21
CA THR D 124 24.04 -2.66 5.14
C THR D 124 23.63 -1.75 6.30
N ASN D 125 22.81 -0.75 6.01
CA ASN D 125 22.35 0.19 7.04
C ASN D 125 23.51 0.92 7.72
N GLY D 126 24.65 0.98 7.02
CA GLY D 126 25.85 1.57 7.56
C GLY D 126 27.09 1.11 6.82
N GLU D 127 28.25 1.37 7.40
CA GLU D 127 29.51 0.94 6.83
C GLU D 127 29.92 -0.35 7.50
N ILE D 128 29.85 -1.45 6.75
CA ILE D 128 30.24 -2.75 7.29
C ILE D 128 31.76 -2.81 7.54
N THR D 129 32.14 -3.28 8.73
CA THR D 129 33.53 -3.26 9.18
C THR D 129 34.11 -4.66 9.45
N ALA D 130 33.24 -5.64 9.69
CA ALA D 130 33.69 -7.02 9.89
C ALA D 130 32.61 -8.05 9.56
N TYR D 131 33.03 -9.30 9.40
CA TYR D 131 32.14 -10.45 9.31
C TYR D 131 32.57 -11.45 10.35
N GLU D 132 31.64 -12.25 10.86
CA GLU D 132 31.99 -13.34 11.73
C GLU D 132 31.45 -14.64 11.13
N VAL D 133 32.31 -15.64 11.02
CA VAL D 133 31.93 -16.93 10.51
C VAL D 133 31.99 -17.95 11.63
N CYS D 134 30.87 -18.64 11.89
CA CYS D 134 30.90 -19.76 12.80
C CYS D 134 30.64 -21.05 12.01
N TYR D 135 31.29 -22.14 12.43
CA TYR D 135 31.03 -23.44 11.84
C TYR D 135 31.33 -24.53 12.86
N GLY D 136 30.56 -25.62 12.81
CA GLY D 136 30.76 -26.73 13.73
C GLY D 136 29.96 -27.98 13.37
N LEU D 137 30.36 -29.12 13.94
CA LEU D 137 29.65 -30.37 13.71
C LEU D 137 28.19 -30.31 14.15
N VAL D 138 27.32 -30.88 13.33
CA VAL D 138 25.91 -31.11 13.70
C VAL D 138 25.57 -32.58 13.51
N ASN D 139 24.54 -33.06 14.19
CA ASN D 139 24.13 -34.46 14.07
C ASN D 139 23.16 -34.72 12.91
N ASP D 140 22.56 -35.91 12.90
CA ASP D 140 21.58 -36.30 11.89
C ASP D 140 20.36 -35.39 11.90
N ASP D 141 20.03 -34.86 13.08
CA ASP D 141 18.89 -33.97 13.24
C ASP D 141 19.29 -32.53 12.99
N ASN D 142 20.56 -32.34 12.61
CA ASN D 142 21.09 -31.04 12.21
C ASN D 142 21.33 -30.05 13.34
N ARG D 143 21.62 -30.56 14.53
CA ARG D 143 21.94 -29.71 15.66
C ARG D 143 23.40 -29.94 16.09
N PRO D 144 24.12 -28.85 16.40
CA PRO D 144 25.55 -28.93 16.76
C PRO D 144 25.82 -29.95 17.87
N ILE D 145 26.91 -30.69 17.74
CA ILE D 145 27.26 -31.70 18.74
C ILE D 145 28.38 -31.21 19.65
N GLY D 146 28.93 -30.05 19.31
CA GLY D 146 30.05 -29.51 20.06
C GLY D 146 30.21 -28.03 19.85
N PRO D 147 31.29 -27.44 20.40
CA PRO D 147 31.52 -26.00 20.29
C PRO D 147 31.76 -25.59 18.86
N MET D 148 31.13 -24.50 18.44
CA MET D 148 31.35 -23.97 17.11
C MET D 148 32.60 -23.10 17.09
N LYS D 149 33.41 -23.28 16.05
CA LYS D 149 34.56 -22.43 15.84
C LYS D 149 34.12 -21.08 15.33
N LYS D 150 34.72 -20.02 15.88
CA LYS D 150 34.38 -18.66 15.50
C LYS D 150 35.54 -18.04 14.75
N VAL D 151 35.25 -17.29 13.69
CA VAL D 151 36.28 -16.64 12.90
C VAL D 151 35.90 -15.18 12.61
N LEU D 152 36.80 -14.25 12.93
CA LEU D 152 36.57 -12.83 12.68
C LEU D 152 37.23 -12.36 11.38
N VAL D 153 36.45 -11.73 10.50
CA VAL D 153 36.95 -11.26 9.20
C VAL D 153 36.91 -9.73 9.10
N ASP D 154 38.09 -9.11 8.97
CA ASP D 154 38.20 -7.66 9.16
C ASP D 154 38.20 -6.77 7.91
N ASN D 155 38.88 -7.17 6.85
CA ASN D 155 38.69 -6.48 5.57
C ASN D 155 37.28 -6.77 5.05
N PRO D 156 36.38 -5.79 5.12
CA PRO D 156 34.96 -6.00 4.77
C PRO D 156 34.80 -6.50 3.34
N LYS D 157 35.88 -6.52 2.56
CA LYS D 157 35.84 -7.07 1.21
C LYS D 157 36.33 -8.52 1.19
N ASN D 158 36.76 -9.02 2.35
CA ASN D 158 37.09 -10.43 2.55
C ASN D 158 35.81 -11.24 2.76
N ARG D 159 35.04 -11.43 1.70
CA ARG D 159 33.77 -12.17 1.82
C ARG D 159 33.90 -13.62 1.36
N MET D 160 35.12 -14.15 1.50
CA MET D 160 35.38 -15.55 1.23
C MET D 160 36.18 -16.09 2.40
N LEU D 161 36.27 -17.42 2.49
CA LEU D 161 36.95 -18.05 3.59
C LEU D 161 37.32 -19.48 3.23
N LEU D 162 38.60 -19.82 3.32
CA LEU D 162 39.04 -21.17 3.03
C LEU D 162 39.12 -21.96 4.32
N ILE D 163 38.20 -22.90 4.50
CA ILE D 163 38.17 -23.74 5.70
C ILE D 163 38.63 -25.15 5.39
N GLU D 164 39.75 -25.55 5.97
CA GLU D 164 40.29 -26.89 5.71
C GLU D 164 40.31 -27.74 6.99
N ASN D 165 40.72 -28.99 6.87
CA ASN D 165 40.71 -29.89 8.02
C ASN D 165 39.31 -30.01 8.63
N LEU D 166 38.34 -30.34 7.78
CA LEU D 166 37.02 -30.75 8.23
C LEU D 166 36.96 -32.28 8.22
N ARG D 167 35.93 -32.84 8.86
CA ARG D 167 35.81 -34.30 8.93
C ARG D 167 35.02 -34.85 7.76
N GLU D 168 35.54 -35.94 7.19
CA GLU D 168 34.89 -36.58 6.04
C GLU D 168 33.47 -37.01 6.36
N SER D 169 32.57 -36.83 5.38
CA SER D 169 31.19 -37.31 5.50
C SER D 169 30.49 -36.80 6.75
N GLN D 170 30.98 -35.69 7.30
CA GLN D 170 30.38 -35.08 8.48
C GLN D 170 29.66 -33.79 8.12
N PRO D 171 28.41 -33.65 8.60
CA PRO D 171 27.62 -32.42 8.39
C PRO D 171 28.16 -31.27 9.23
N TYR D 172 28.32 -30.11 8.61
CA TYR D 172 28.74 -28.91 9.33
C TYR D 172 27.73 -27.78 9.11
N ARG D 173 27.40 -27.08 10.18
CA ARG D 173 26.59 -25.88 10.04
C ARG D 173 27.50 -24.65 9.97
N TYR D 174 27.19 -23.76 9.04
CA TYR D 174 27.94 -22.53 8.83
C TYR D 174 27.04 -21.30 8.99
N THR D 175 27.53 -20.29 9.70
CA THR D 175 26.84 -19.02 9.78
C THR D 175 27.79 -17.87 9.49
N VAL D 176 27.27 -16.84 8.82
CA VAL D 176 28.01 -15.61 8.61
C VAL D 176 27.13 -14.47 9.06
N LYS D 177 27.71 -13.52 9.78
CA LYS D 177 26.98 -12.30 10.15
C LYS D 177 27.88 -11.10 9.95
N ALA D 178 27.27 -9.94 9.72
CA ALA D 178 28.02 -8.71 9.47
C ALA D 178 27.93 -7.74 10.64
N ARG D 179 28.96 -6.91 10.76
CA ARG D 179 28.95 -5.86 11.78
C ARG D 179 29.19 -4.51 11.12
N ASN D 180 28.53 -3.49 11.66
CA ASN D 180 28.87 -2.11 11.32
C ASN D 180 28.89 -1.24 12.57
N GLY D 181 28.85 0.07 12.39
CA GLY D 181 28.87 0.99 13.51
C GLY D 181 27.88 0.66 14.61
N ALA D 182 26.68 0.22 14.23
CA ALA D 182 25.62 -0.08 15.20
C ALA D 182 25.79 -1.43 15.90
N GLY D 183 26.66 -2.29 15.39
CA GLY D 183 26.84 -3.60 15.98
C GLY D 183 26.59 -4.73 14.99
N TRP D 184 26.21 -5.91 15.50
CA TRP D 184 26.06 -7.10 14.68
C TRP D 184 24.65 -7.37 14.21
N GLY D 185 24.52 -7.78 12.96
CA GLY D 185 23.24 -8.15 12.40
C GLY D 185 22.97 -9.63 12.54
N PRO D 186 21.82 -10.09 12.05
CA PRO D 186 21.40 -11.50 12.09
C PRO D 186 22.30 -12.40 11.24
N GLU D 187 22.19 -13.71 11.45
CA GLU D 187 23.05 -14.68 10.78
C GLU D 187 22.42 -15.33 9.54
N ARG D 188 23.25 -15.59 8.54
CA ARG D 188 22.88 -16.42 7.40
C ARG D 188 23.42 -17.83 7.63
N GLU D 189 22.57 -18.83 7.43
CA GLU D 189 22.88 -20.20 7.83
C GLU D 189 22.88 -21.19 6.65
N ALA D 190 23.67 -22.26 6.78
CA ALA D 190 23.67 -23.35 5.81
C ALA D 190 24.29 -24.61 6.40
N ILE D 191 23.61 -25.75 6.23
CA ILE D 191 24.17 -27.04 6.62
C ILE D 191 24.73 -27.72 5.39
N ILE D 192 25.99 -28.15 5.47
CA ILE D 192 26.65 -28.73 4.31
C ILE D 192 27.52 -29.91 4.69
N ASN D 193 27.28 -31.02 3.99
CA ASN D 193 28.13 -32.20 4.08
C ASN D 193 28.95 -32.33 2.80
N LEU D 194 30.27 -32.24 2.98
CA LEU D 194 31.23 -32.22 1.87
C LEU D 194 31.17 -33.46 0.99
N ALA D 195 31.04 -34.63 1.61
CA ALA D 195 30.91 -35.88 0.87
C ALA D 195 29.90 -35.77 -0.28
N THR D 196 28.88 -34.93 -0.09
CA THR D 196 27.88 -34.67 -1.12
C THR D 196 27.91 -33.22 -1.58
N ILE D 206 28.19 -25.40 -4.35
CA ILE D 206 26.95 -25.85 -3.74
C ILE D 206 26.32 -24.73 -2.91
N ILE D 207 24.99 -24.68 -2.87
CA ILE D 207 24.30 -23.67 -2.09
C ILE D 207 22.99 -24.22 -1.54
N PRO D 208 22.99 -24.57 -0.24
CA PRO D 208 21.80 -25.05 0.49
C PRO D 208 20.63 -24.08 0.36
N ASP E 4 -79.55 5.96 -7.31
CA ASP E 4 -78.62 6.61 -6.38
C ASP E 4 -77.18 6.59 -6.91
N LEU E 5 -76.44 7.68 -6.64
CA LEU E 5 -75.04 7.80 -7.03
C LEU E 5 -74.20 6.65 -6.52
N GLY E 6 -73.29 6.17 -7.37
CA GLY E 6 -72.34 5.16 -6.95
C GLY E 6 -71.19 5.81 -6.19
N ALA E 7 -70.16 5.02 -5.92
CA ALA E 7 -68.99 5.54 -5.23
C ALA E 7 -68.02 6.12 -6.25
N PRO E 8 -67.39 7.26 -5.91
CA PRO E 8 -66.26 7.78 -6.69
C PRO E 8 -65.21 6.69 -6.89
N GLN E 9 -64.70 6.54 -8.10
CA GLN E 9 -63.76 5.45 -8.37
C GLN E 9 -62.35 5.98 -8.56
N ASN E 10 -61.38 5.08 -8.53
CA ASN E 10 -59.99 5.44 -8.77
C ASN E 10 -59.45 6.54 -7.83
N PRO E 11 -59.60 6.34 -6.51
CA PRO E 11 -59.11 7.29 -5.50
C PRO E 11 -57.61 7.42 -5.61
N ASN E 12 -57.12 8.64 -5.66
CA ASN E 12 -55.72 8.89 -5.96
C ASN E 12 -55.17 10.06 -5.14
N ALA E 13 -54.17 9.78 -4.33
CA ALA E 13 -53.58 10.82 -3.48
C ALA E 13 -52.07 10.89 -3.67
N LYS E 14 -51.53 12.10 -3.58
CA LYS E 14 -50.07 12.28 -3.55
C LYS E 14 -49.69 13.51 -2.72
N ALA E 15 -48.55 13.43 -2.04
CA ALA E 15 -48.05 14.57 -1.26
C ALA E 15 -47.74 15.75 -2.15
N ALA E 16 -48.18 16.92 -1.71
CA ALA E 16 -47.96 18.17 -2.42
C ALA E 16 -47.41 19.12 -1.37
N GLY E 17 -46.21 18.80 -0.91
CA GLY E 17 -45.59 19.47 0.22
C GLY E 17 -45.61 18.61 1.48
N SER E 18 -45.18 19.21 2.58
CA SER E 18 -45.09 18.52 3.86
C SER E 18 -46.32 18.71 4.72
N ARG E 19 -47.14 19.70 4.37
CA ARG E 19 -48.32 19.98 5.18
C ARG E 19 -49.60 19.80 4.39
N LYS E 20 -49.47 19.40 3.13
CA LYS E 20 -50.65 19.16 2.30
C LYS E 20 -50.57 18.00 1.33
N ILE E 21 -51.76 17.46 1.03
CA ILE E 21 -51.94 16.32 0.14
C ILE E 21 -52.93 16.66 -0.97
N HIS E 22 -52.56 16.36 -2.21
CA HIS E 22 -53.51 16.45 -3.33
C HIS E 22 -54.30 15.14 -3.45
N PHE E 23 -55.61 15.24 -3.35
CA PHE E 23 -56.46 14.06 -3.43
C PHE E 23 -57.51 14.21 -4.54
N ASN E 24 -57.46 13.33 -5.53
CA ASN E 24 -58.50 13.31 -6.55
C ASN E 24 -59.06 11.92 -6.87
N TRP E 25 -60.13 11.90 -7.65
CA TRP E 25 -60.87 10.66 -7.92
C TRP E 25 -61.61 10.78 -9.22
N LEU E 26 -62.21 9.67 -9.65
CA LEU E 26 -63.06 9.64 -10.83
C LEU E 26 -64.51 9.80 -10.38
N PRO E 27 -65.20 10.83 -10.90
CA PRO E 27 -66.61 11.06 -10.57
C PRO E 27 -67.48 9.85 -10.90
N PRO E 28 -68.49 9.58 -10.07
CA PRO E 28 -69.44 8.48 -10.34
C PRO E 28 -70.31 8.82 -11.53
N SER E 29 -70.88 7.81 -12.18
CA SER E 29 -71.82 8.06 -13.26
C SER E 29 -72.93 8.98 -12.77
N GLY E 30 -73.38 9.88 -13.64
CA GLY E 30 -74.42 10.82 -13.27
C GLY E 30 -73.89 12.23 -13.15
N LYS E 31 -74.65 13.08 -12.47
CA LYS E 31 -74.28 14.48 -12.27
C LYS E 31 -74.31 14.84 -10.80
N PRO E 32 -73.26 14.47 -10.05
CA PRO E 32 -73.08 14.78 -8.63
C PRO E 32 -72.92 16.29 -8.38
N MET E 33 -73.59 16.78 -7.34
CA MET E 33 -73.48 18.18 -6.97
C MET E 33 -72.13 18.47 -6.32
N GLY E 34 -71.54 17.45 -5.73
CA GLY E 34 -70.28 17.62 -5.02
C GLY E 34 -69.83 16.37 -4.31
N TYR E 35 -68.73 16.49 -3.58
CA TYR E 35 -68.17 15.36 -2.86
C TYR E 35 -67.85 15.72 -1.41
N ARG E 36 -67.77 14.69 -0.58
CA ARG E 36 -67.34 14.87 0.80
C ARG E 36 -66.16 13.98 1.10
N VAL E 37 -65.03 14.59 1.43
CA VAL E 37 -63.83 13.86 1.76
C VAL E 37 -63.72 13.66 3.25
N LYS E 38 -63.44 12.42 3.65
CA LYS E 38 -63.19 12.08 5.03
C LYS E 38 -61.74 11.64 5.12
N TYR E 39 -60.93 12.37 5.89
CA TYR E 39 -59.52 12.02 6.05
C TYR E 39 -59.09 12.04 7.52
N TRP E 40 -58.08 11.23 7.85
CA TRP E 40 -57.61 11.11 9.21
C TRP E 40 -56.21 10.54 9.23
N ILE E 41 -55.58 10.63 10.41
CA ILE E 41 -54.23 10.12 10.59
C ILE E 41 -54.28 8.60 10.73
N GLN E 42 -53.47 7.91 9.94
CA GLN E 42 -53.36 6.46 10.05
C GLN E 42 -53.16 6.07 11.52
N GLY E 43 -54.01 5.16 12.01
CA GLY E 43 -53.93 4.73 13.39
C GLY E 43 -55.03 5.29 14.25
N ASP E 44 -55.60 6.41 13.81
CA ASP E 44 -56.74 7.00 14.48
C ASP E 44 -58.03 6.41 13.92
N SER E 45 -59.10 6.48 14.70
CA SER E 45 -60.39 5.96 14.25
C SER E 45 -60.97 6.87 13.17
N GLU E 46 -61.82 6.31 12.32
CA GLU E 46 -62.59 7.12 11.38
C GLU E 46 -63.56 8.03 12.15
N SER E 47 -63.33 8.16 13.46
CA SER E 47 -64.10 9.05 14.31
C SER E 47 -63.37 10.38 14.51
N GLU E 48 -62.05 10.34 14.47
CA GLU E 48 -61.25 11.55 14.53
C GLU E 48 -61.02 12.09 13.12
N ALA E 49 -61.87 11.67 12.20
CA ALA E 49 -61.73 12.04 10.81
C ALA E 49 -62.20 13.47 10.62
N HIS E 50 -61.53 14.19 9.75
CA HIS E 50 -61.96 15.52 9.35
C HIS E 50 -62.83 15.38 8.10
N LEU E 51 -63.70 16.35 7.88
CA LEU E 51 -64.61 16.32 6.73
C LEU E 51 -64.45 17.55 5.86
N LEU E 52 -64.12 17.33 4.59
CA LEU E 52 -63.96 18.42 3.63
C LEU E 52 -65.03 18.37 2.54
N ASP E 53 -65.54 19.53 2.13
CA ASP E 53 -66.49 19.55 1.03
C ASP E 53 -65.75 19.91 -0.25
N SER E 54 -66.24 19.41 -1.38
CA SER E 54 -65.73 19.86 -2.68
C SER E 54 -66.78 19.80 -3.77
N LYS E 55 -66.75 20.77 -4.68
CA LYS E 55 -67.69 20.77 -5.81
C LYS E 55 -67.06 20.10 -7.02
N VAL E 56 -65.75 19.89 -6.95
CA VAL E 56 -64.99 19.29 -8.04
C VAL E 56 -64.32 17.97 -7.58
N PRO E 57 -63.99 17.09 -8.53
CA PRO E 57 -63.46 15.75 -8.24
C PRO E 57 -62.04 15.73 -7.66
N SER E 58 -61.67 16.77 -6.92
CA SER E 58 -60.37 16.79 -6.29
C SER E 58 -60.43 17.67 -5.07
N VAL E 59 -59.41 17.59 -4.22
CA VAL E 59 -59.35 18.42 -3.03
C VAL E 59 -57.92 18.53 -2.52
N GLU E 60 -57.61 19.66 -1.88
CA GLU E 60 -56.33 19.83 -1.21
C GLU E 60 -56.49 19.71 0.29
N LEU E 61 -55.96 18.64 0.88
CA LEU E 61 -55.88 18.53 2.33
C LEU E 61 -54.72 19.41 2.80
N THR E 62 -55.03 20.43 3.59
CA THR E 62 -53.98 21.31 4.13
C THR E 62 -53.89 21.24 5.65
N ASN E 63 -52.90 21.93 6.22
CA ASN E 63 -52.71 21.95 7.67
C ASN E 63 -52.48 20.56 8.26
N LEU E 64 -51.68 19.77 7.58
CA LEU E 64 -51.41 18.43 8.06
C LEU E 64 -50.06 18.36 8.76
N TYR E 65 -49.85 17.32 9.54
CA TYR E 65 -48.55 17.10 10.16
C TYR E 65 -47.53 16.60 9.12
N PRO E 66 -46.29 17.11 9.19
CA PRO E 66 -45.20 16.64 8.33
C PRO E 66 -44.88 15.16 8.52
N TYR E 67 -44.42 14.51 7.46
CA TYR E 67 -43.97 13.12 7.51
C TYR E 67 -44.95 12.24 8.27
N CYS E 68 -46.21 12.28 7.84
CA CYS E 68 -47.27 11.62 8.55
C CYS E 68 -48.16 10.87 7.55
N ASP E 69 -48.49 9.63 7.88
CA ASP E 69 -49.39 8.80 7.08
C ASP E 69 -50.85 9.17 7.30
N TYR E 70 -51.57 9.41 6.20
CA TYR E 70 -52.97 9.78 6.27
C TYR E 70 -53.83 8.78 5.49
N GLU E 71 -55.01 8.50 6.03
CA GLU E 71 -56.00 7.70 5.34
C GLU E 71 -57.09 8.64 4.82
N MET E 72 -57.68 8.32 3.67
CA MET E 72 -58.79 9.13 3.17
C MET E 72 -59.70 8.38 2.21
N LYS E 73 -60.97 8.77 2.22
CA LYS E 73 -61.95 8.24 1.29
C LYS E 73 -62.89 9.38 0.93
N VAL E 74 -63.66 9.20 -0.12
CA VAL E 74 -64.50 10.28 -0.58
C VAL E 74 -65.84 9.68 -1.03
N CYS E 75 -66.90 10.46 -0.88
CA CYS E 75 -68.20 10.04 -1.34
C CYS E 75 -68.85 11.19 -2.11
N ALA E 76 -69.74 10.86 -3.04
CA ALA E 76 -70.43 11.88 -3.80
C ALA E 76 -71.85 12.08 -3.27
N TYR E 77 -72.39 13.27 -3.47
CA TYR E 77 -73.77 13.57 -3.09
C TYR E 77 -74.47 14.34 -4.20
N GLY E 78 -75.80 14.33 -4.17
CA GLY E 78 -76.58 15.07 -5.15
C GLY E 78 -78.07 15.04 -4.88
N ALA E 79 -78.84 14.97 -5.97
CA ALA E 79 -80.29 15.01 -5.88
C ALA E 79 -80.87 13.99 -4.90
N GLN E 80 -80.30 12.80 -4.87
CA GLN E 80 -80.86 11.73 -4.05
C GLN E 80 -80.04 11.46 -2.78
N GLY E 81 -79.31 12.48 -2.33
CA GLY E 81 -78.54 12.38 -1.10
C GLY E 81 -77.11 11.91 -1.32
N GLU E 82 -76.54 11.27 -0.30
CA GLU E 82 -75.15 10.80 -0.36
C GLU E 82 -75.05 9.35 -0.88
N GLY E 83 -74.01 9.10 -1.67
CA GLY E 83 -73.73 7.76 -2.13
C GLY E 83 -72.63 7.11 -1.31
N PRO E 84 -72.32 5.85 -1.62
CA PRO E 84 -71.29 5.10 -0.89
C PRO E 84 -69.95 5.83 -0.91
N TYR E 85 -69.06 5.47 0.00
CA TYR E 85 -67.71 5.97 -0.03
C TYR E 85 -66.83 5.16 -0.97
N SER E 86 -65.81 5.81 -1.50
CA SER E 86 -64.80 5.15 -2.31
C SER E 86 -64.00 4.24 -1.42
N SER E 87 -63.15 3.41 -2.03
CA SER E 87 -62.20 2.61 -1.28
C SER E 87 -61.17 3.52 -0.62
N LEU E 88 -60.50 3.02 0.42
CA LEU E 88 -59.52 3.82 1.17
C LEU E 88 -58.22 4.03 0.40
N VAL E 89 -57.68 5.24 0.46
CA VAL E 89 -56.36 5.50 -0.09
C VAL E 89 -55.46 6.07 1.02
N SER E 90 -54.23 5.59 1.09
CA SER E 90 -53.27 6.05 2.09
C SER E 90 -52.16 6.87 1.45
N CYS E 91 -51.71 7.91 2.15
CA CYS E 91 -50.66 8.77 1.62
C CYS E 91 -49.86 9.46 2.73
N ARG E 92 -48.56 9.57 2.55
CA ARG E 92 -47.72 10.25 3.53
C ARG E 92 -47.25 11.62 3.06
N THR E 93 -47.31 12.59 3.97
CA THR E 93 -46.89 13.97 3.70
C THR E 93 -45.37 14.07 3.58
N HIS E 94 -44.89 15.15 2.97
CA HIS E 94 -43.44 15.36 2.84
C HIS E 94 -42.76 15.69 4.18
N GLN E 95 -41.43 15.47 4.26
CA GLN E 95 -40.65 15.81 5.48
C GLN E 95 -40.43 17.31 5.58
N GLU E 96 -40.35 17.80 6.82
CA GLU E 96 -39.99 19.18 7.10
C GLU E 96 -38.79 19.18 8.02
N VAL E 97 -38.00 20.25 7.98
CA VAL E 97 -36.89 20.38 8.92
C VAL E 97 -37.43 20.27 10.33
N PRO E 98 -36.63 19.71 11.24
CA PRO E 98 -37.06 19.45 12.62
C PRO E 98 -37.22 20.74 13.42
N SER E 99 -37.80 20.65 14.61
CA SER E 99 -37.83 21.76 15.54
C SER E 99 -36.50 21.83 16.29
N GLU E 100 -36.39 22.77 17.23
CA GLU E 100 -35.22 22.83 18.10
C GLU E 100 -35.08 21.53 18.89
N PRO E 101 -33.83 21.07 19.06
CA PRO E 101 -33.55 19.99 20.00
C PRO E 101 -34.02 20.42 21.39
N GLY E 102 -34.17 19.47 22.32
CA GLY E 102 -34.58 19.78 23.68
C GLY E 102 -33.59 20.65 24.42
N ARG E 103 -34.04 21.31 25.49
CA ARG E 103 -33.16 22.17 26.28
C ARG E 103 -31.85 21.44 26.62
N LEU E 104 -30.74 22.18 26.60
CA LEU E 104 -29.43 21.60 26.83
C LEU E 104 -29.14 21.36 28.31
N ALA E 105 -28.64 20.16 28.61
CA ALA E 105 -28.26 19.78 29.95
C ALA E 105 -26.74 19.59 30.07
N PHE E 106 -26.17 20.12 31.15
CA PHE E 106 -24.73 20.08 31.35
C PHE E 106 -24.31 19.29 32.61
N ASN E 107 -23.46 18.29 32.42
CA ASN E 107 -22.80 17.61 33.54
C ASN E 107 -21.37 18.11 33.68
N VAL E 108 -21.15 18.96 34.67
CA VAL E 108 -19.82 19.49 34.90
C VAL E 108 -18.88 18.40 35.40
N VAL E 109 -17.87 18.06 34.61
CA VAL E 109 -16.91 17.05 34.99
C VAL E 109 -15.72 17.70 35.70
N SER E 110 -15.40 18.94 35.29
CA SER E 110 -14.33 19.72 35.89
C SER E 110 -14.41 21.16 35.41
N SER E 111 -13.44 21.99 35.80
CA SER E 111 -13.43 23.40 35.40
C SER E 111 -13.12 23.57 33.90
N THR E 112 -12.71 22.47 33.27
CA THR E 112 -12.36 22.50 31.85
C THR E 112 -13.08 21.42 31.04
N VAL E 113 -13.91 20.61 31.71
CA VAL E 113 -14.60 19.52 31.03
C VAL E 113 -16.09 19.49 31.36
N THR E 114 -16.92 19.21 30.35
CA THR E 114 -18.36 19.10 30.54
C THR E 114 -19.01 18.09 29.62
N GLN E 115 -20.10 17.50 30.10
CA GLN E 115 -20.89 16.57 29.31
C GLN E 115 -22.19 17.22 28.87
N LEU E 116 -22.22 17.67 27.63
CA LEU E 116 -23.42 18.26 27.05
C LEU E 116 -24.38 17.17 26.59
N SER E 117 -25.68 17.37 26.84
CA SER E 117 -26.68 16.43 26.37
C SER E 117 -27.97 17.17 26.05
N TRP E 118 -28.70 16.65 25.07
CA TRP E 118 -29.96 17.26 24.65
C TRP E 118 -30.97 16.17 24.35
N ALA E 119 -32.24 16.55 24.33
CA ALA E 119 -33.30 15.64 23.90
C ALA E 119 -33.59 15.82 22.41
N GLU E 120 -34.21 14.81 21.81
CA GLU E 120 -34.64 14.88 20.42
C GLU E 120 -35.69 15.97 20.25
N PRO E 121 -35.67 16.68 19.10
CA PRO E 121 -36.69 17.69 18.81
C PRO E 121 -38.11 17.19 19.09
N ALA E 122 -38.96 18.05 19.64
CA ALA E 122 -40.32 17.66 19.99
C ALA E 122 -41.09 17.28 18.73
N GLU E 123 -40.76 17.96 17.64
CA GLU E 123 -41.31 17.64 16.32
C GLU E 123 -40.17 17.33 15.37
N THR E 124 -39.91 16.05 15.14
CA THR E 124 -38.85 15.66 14.21
C THR E 124 -39.24 15.99 12.77
N ASN E 125 -40.52 15.83 12.44
CA ASN E 125 -41.00 16.12 11.09
C ASN E 125 -40.29 15.27 10.05
N GLY E 126 -39.77 14.13 10.48
CA GLY E 126 -39.02 13.27 9.58
C GLY E 126 -38.12 12.34 10.35
N GLU E 127 -37.19 11.72 9.64
CA GLU E 127 -36.20 10.85 10.25
C GLU E 127 -34.92 11.64 10.48
N ILE E 128 -34.63 11.94 11.75
CA ILE E 128 -33.41 12.68 12.10
C ILE E 128 -32.16 11.85 11.82
N THR E 129 -31.18 12.45 11.14
CA THR E 129 -29.99 11.73 10.69
C THR E 129 -28.67 12.25 11.28
N ALA E 130 -28.67 13.49 11.75
CA ALA E 130 -27.49 14.07 12.38
C ALA E 130 -27.85 15.21 13.33
N TYR E 131 -26.89 15.55 14.19
CA TYR E 131 -26.95 16.75 15.04
C TYR E 131 -25.69 17.54 14.79
N GLU E 132 -25.79 18.86 14.91
CA GLU E 132 -24.59 19.70 14.87
C GLU E 132 -24.48 20.50 16.18
N VAL E 133 -23.32 20.40 16.82
CA VAL E 133 -23.06 21.15 18.03
C VAL E 133 -22.04 22.23 17.75
N CYS E 134 -22.40 23.48 18.03
CA CYS E 134 -21.42 24.56 18.01
C CYS E 134 -21.15 25.06 19.42
N TYR E 135 -19.91 25.44 19.70
CA TYR E 135 -19.59 26.06 20.99
C TYR E 135 -18.39 26.99 20.82
N GLY E 136 -18.39 28.09 21.57
CA GLY E 136 -17.28 29.04 21.50
C GLY E 136 -17.32 30.10 22.58
N LEU E 137 -16.17 30.74 22.82
CA LEU E 137 -16.07 31.81 23.81
C LEU E 137 -17.02 32.97 23.53
N VAL E 138 -17.66 33.46 24.59
CA VAL E 138 -18.44 34.69 24.53
C VAL E 138 -17.94 35.67 25.60
N ASN E 139 -18.19 36.96 25.43
CA ASN E 139 -17.74 37.96 26.41
C ASN E 139 -18.72 38.12 27.59
N ASP E 140 -18.43 39.08 28.48
CA ASP E 140 -19.22 39.21 29.71
C ASP E 140 -20.70 39.50 29.46
N ASP E 141 -21.08 39.79 28.22
CA ASP E 141 -22.49 40.04 27.89
C ASP E 141 -22.98 39.27 26.67
N ASN E 142 -22.66 37.98 26.61
CA ASN E 142 -23.22 37.08 25.62
C ASN E 142 -23.00 37.52 24.16
N ARG E 143 -21.74 37.69 23.78
CA ARG E 143 -21.38 37.98 22.39
C ARG E 143 -20.20 37.12 21.92
N PRO E 144 -20.30 36.58 20.69
CA PRO E 144 -19.16 35.83 20.15
C PRO E 144 -17.88 36.65 20.24
N ILE E 145 -16.80 36.06 20.73
CA ILE E 145 -15.51 36.75 20.75
C ILE E 145 -14.40 35.89 20.15
N GLY E 146 -14.50 34.58 20.35
CA GLY E 146 -13.50 33.67 19.82
C GLY E 146 -14.03 32.87 18.65
N PRO E 147 -13.25 31.90 18.18
CA PRO E 147 -13.68 31.04 17.07
C PRO E 147 -14.86 30.15 17.48
N MET E 148 -15.78 29.88 16.57
CA MET E 148 -16.88 28.95 16.84
C MET E 148 -16.52 27.51 16.36
N LYS E 149 -16.40 26.57 17.30
CA LYS E 149 -16.11 25.18 16.94
C LYS E 149 -17.38 24.44 16.54
N LYS E 150 -17.33 23.70 15.44
CA LYS E 150 -18.47 22.96 14.94
C LYS E 150 -18.23 21.46 15.06
N VAL E 151 -19.24 20.73 15.50
CA VAL E 151 -19.12 19.28 15.65
C VAL E 151 -20.33 18.57 15.01
N LEU E 152 -20.06 17.71 14.03
CA LEU E 152 -21.10 16.92 13.38
C LEU E 152 -21.21 15.53 13.98
N VAL E 153 -22.39 15.20 14.50
CA VAL E 153 -22.65 13.87 15.06
C VAL E 153 -23.46 13.08 14.05
N ASP E 154 -22.81 12.11 13.42
CA ASP E 154 -23.42 11.35 12.32
C ASP E 154 -24.31 10.21 12.80
N ASN E 155 -24.24 9.90 14.08
CA ASN E 155 -25.13 8.93 14.70
C ASN E 155 -26.19 9.63 15.56
N PRO E 156 -27.43 9.70 15.04
CA PRO E 156 -28.53 10.43 15.66
C PRO E 156 -28.97 9.84 17.01
N LYS E 157 -28.51 8.63 17.31
CA LYS E 157 -28.89 7.96 18.54
C LYS E 157 -28.00 8.43 19.66
N ASN E 158 -26.89 9.06 19.29
CA ASN E 158 -25.94 9.59 20.24
C ASN E 158 -26.23 11.06 20.56
N ARG E 159 -26.94 11.31 21.66
CA ARG E 159 -27.32 12.67 22.04
C ARG E 159 -26.52 13.20 23.22
N MET E 160 -25.24 12.82 23.24
CA MET E 160 -24.38 13.17 24.33
C MET E 160 -23.06 13.58 23.72
N LEU E 161 -22.41 14.56 24.34
CA LEU E 161 -21.14 15.04 23.82
C LEU E 161 -20.23 15.42 24.95
N LEU E 162 -19.06 14.80 24.99
CA LEU E 162 -18.06 15.12 26.01
C LEU E 162 -17.09 16.15 25.47
N ILE E 163 -17.17 17.38 25.98
CA ILE E 163 -16.31 18.47 25.52
C ILE E 163 -15.29 18.81 26.59
N GLU E 164 -14.02 18.61 26.29
CA GLU E 164 -12.98 18.85 27.27
C GLU E 164 -12.00 19.96 26.86
N ASN E 165 -11.16 20.32 27.84
CA ASN E 165 -10.12 21.36 27.72
C ASN E 165 -10.62 22.76 27.39
N LEU E 166 -11.80 23.09 27.93
CA LEU E 166 -12.35 24.44 27.86
C LEU E 166 -11.56 25.35 28.81
N ARG E 167 -11.77 26.65 28.72
CA ARG E 167 -11.00 27.58 29.53
C ARG E 167 -11.70 27.84 30.84
N GLU E 168 -10.93 27.85 31.93
CA GLU E 168 -11.45 28.07 33.28
C GLU E 168 -12.16 29.42 33.39
N SER E 169 -13.27 29.43 34.11
CA SER E 169 -14.00 30.67 34.41
C SER E 169 -14.36 31.46 33.15
N GLN E 170 -14.40 30.78 32.02
CA GLN E 170 -14.78 31.41 30.76
C GLN E 170 -16.17 30.98 30.30
N PRO E 171 -17.00 31.96 29.91
CA PRO E 171 -18.34 31.69 29.41
C PRO E 171 -18.30 31.10 28.01
N TYR E 172 -19.05 30.04 27.78
CA TYR E 172 -19.14 29.43 26.46
C TYR E 172 -20.59 29.35 26.01
N ARG E 173 -20.84 29.70 24.76
CA ARG E 173 -22.16 29.49 24.18
C ARG E 173 -22.22 28.15 23.42
N TYR E 174 -23.30 27.41 23.67
CA TYR E 174 -23.50 26.12 23.04
C TYR E 174 -24.80 26.12 22.24
N THR E 175 -24.74 25.57 21.03
CA THR E 175 -25.95 25.34 20.23
C THR E 175 -25.99 23.91 19.71
N VAL E 176 -27.19 23.36 19.66
CA VAL E 176 -27.40 22.06 19.03
C VAL E 176 -28.53 22.25 18.04
N LYS E 177 -28.38 21.67 16.85
CA LYS E 177 -29.46 21.65 15.87
C LYS E 177 -29.56 20.26 15.24
N ALA E 178 -30.75 19.92 14.76
CA ALA E 178 -30.99 18.61 14.16
C ALA E 178 -31.15 18.67 12.65
N ARG E 179 -30.80 17.57 11.98
CA ARG E 179 -31.00 17.45 10.54
C ARG E 179 -31.84 16.23 10.22
N ASN E 180 -32.70 16.36 9.22
CA ASN E 180 -33.37 15.20 8.63
C ASN E 180 -33.36 15.32 7.11
N GLY E 181 -34.20 14.52 6.45
CA GLY E 181 -34.30 14.54 5.01
C GLY E 181 -34.46 15.93 4.41
N ALA E 182 -35.25 16.78 5.05
CA ALA E 182 -35.52 18.12 4.53
C ALA E 182 -34.40 19.13 4.79
N GLY E 183 -33.44 18.79 5.65
CA GLY E 183 -32.37 19.71 5.98
C GLY E 183 -32.25 20.00 7.47
N TRP E 184 -31.71 21.17 7.80
CA TRP E 184 -31.44 21.53 9.20
C TRP E 184 -32.53 22.39 9.83
N GLY E 185 -32.86 22.07 11.07
CA GLY E 185 -33.79 22.87 11.85
C GLY E 185 -33.09 23.94 12.66
N PRO E 186 -33.87 24.74 13.40
CA PRO E 186 -33.38 25.83 14.25
C PRO E 186 -32.50 25.33 15.41
N GLU E 187 -31.77 26.25 16.03
CA GLU E 187 -30.83 25.90 17.10
C GLU E 187 -31.40 26.07 18.50
N ARG E 188 -30.99 25.18 19.40
CA ARG E 188 -31.22 25.32 20.82
C ARG E 188 -29.93 25.87 21.46
N GLU E 189 -30.08 26.90 22.29
CA GLU E 189 -28.93 27.66 22.77
C GLU E 189 -28.82 27.65 24.30
N ALA E 190 -27.59 27.80 24.80
CA ALA E 190 -27.33 27.92 26.24
C ALA E 190 -25.95 28.51 26.47
N ILE E 191 -25.87 29.52 27.35
CA ILE E 191 -24.58 30.06 27.78
C ILE E 191 -24.23 29.48 29.13
N ILE E 192 -23.03 28.91 29.24
CA ILE E 192 -22.63 28.24 30.47
C ILE E 192 -21.18 28.52 30.84
N ASN E 193 -20.97 28.97 32.07
CA ASN E 193 -19.65 29.10 32.66
C ASN E 193 -19.50 27.99 33.71
N LEU E 194 -18.59 27.06 33.46
CA LEU E 194 -18.44 25.91 34.35
C LEU E 194 -18.12 26.26 35.80
N ALA E 195 -17.85 27.53 36.08
CA ALA E 195 -17.54 27.97 37.44
C ALA E 195 -18.80 28.20 38.28
N THR E 196 -19.95 28.29 37.61
CA THR E 196 -21.22 28.43 38.30
C THR E 196 -22.21 27.31 37.94
N GLN E 197 -21.92 26.11 38.43
CA GLN E 197 -22.75 24.93 38.19
C GLN E 197 -22.68 23.97 39.38
N PRO E 198 -23.77 23.20 39.59
CA PRO E 198 -23.85 22.26 40.72
C PRO E 198 -22.91 21.07 40.56
N ILE E 210 -18.76 7.86 25.31
CA ILE E 210 -19.28 8.71 24.25
C ILE E 210 -18.14 9.42 23.53
N PRO E 211 -18.40 9.91 22.30
CA PRO E 211 -17.43 10.67 21.51
C PRO E 211 -16.93 11.91 22.26
N ILE E 212 -15.62 12.10 22.23
CA ILE E 212 -14.96 13.19 22.94
C ILE E 212 -14.45 14.23 21.97
N VAL E 213 -14.47 15.48 22.42
CA VAL E 213 -13.98 16.60 21.62
C VAL E 213 -13.04 17.43 22.48
N ASP E 214 -12.04 18.04 21.84
CA ASP E 214 -11.04 18.84 22.56
C ASP E 214 -11.15 20.33 22.23
N ALA E 215 -11.63 21.11 23.20
CA ALA E 215 -11.99 22.52 22.99
C ALA E 215 -10.82 23.41 22.56
N GLN E 216 -9.61 23.05 22.97
CA GLN E 216 -8.40 23.67 22.44
C GLN E 216 -7.45 22.53 22.14
N SER E 217 -7.39 22.13 20.87
CA SER E 217 -6.89 20.81 20.50
C SER E 217 -5.56 20.78 19.77
N GLY E 218 -4.66 21.69 20.13
CA GLY E 218 -3.31 21.70 19.56
C GLY E 218 -3.22 21.76 18.04
N GLU E 219 -4.37 21.84 17.37
CA GLU E 219 -4.42 21.97 15.92
C GLU E 219 -5.55 22.93 15.55
N ASP E 220 -6.32 23.31 16.57
CA ASP E 220 -7.44 24.25 16.47
C ASP E 220 -8.35 24.01 15.26
N TYR E 221 -8.90 22.81 15.19
CA TYR E 221 -9.87 22.45 14.18
C TYR E 221 -11.06 23.40 14.15
N ASP E 222 -11.51 23.73 12.95
CA ASP E 222 -12.69 24.57 12.78
C ASP E 222 -13.93 23.68 12.93
N SER E 223 -13.78 22.42 12.53
CA SER E 223 -14.89 21.48 12.48
C SER E 223 -14.44 20.08 12.91
N PHE E 224 -15.26 19.41 13.70
CA PHE E 224 -14.99 18.03 14.09
C PHE E 224 -16.06 17.13 13.50
N LEU E 225 -15.66 16.15 12.71
CA LEU E 225 -16.60 15.22 12.09
C LEU E 225 -16.52 13.86 12.80
N MET E 226 -17.50 13.56 13.63
CA MET E 226 -17.46 12.32 14.41
C MET E 226 -18.04 11.10 13.67
C1 EDO F . -45.37 7.01 -11.07
O1 EDO F . -44.49 6.77 -12.17
C2 EDO F . -46.77 6.53 -11.53
O2 EDO F . -47.75 6.72 -10.50
C1 EDO G . 60.21 -27.45 -17.98
O1 EDO G . 58.81 -27.60 -17.69
C2 EDO G . 60.72 -26.24 -17.18
O2 EDO G . 62.12 -26.05 -17.39
C1 PEG H . 43.11 -9.03 1.24
O1 PEG H . 42.87 -9.27 2.63
C2 PEG H . 44.26 -9.92 0.72
O2 PEG H . 44.45 -9.69 -0.69
C3 PEG H . 43.20 -10.06 -1.35
C4 PEG H . 43.10 -9.78 -2.86
O4 PEG H . 44.11 -10.48 -3.60
CA CA I . 43.24 -9.12 6.65
#